data_128D
# 
_entry.id   128D 
# 
_audit_conform.dict_name       mmcif_pdbx.dic 
_audit_conform.dict_version    5.385 
_audit_conform.dict_location   http://mmcif.pdb.org/dictionaries/ascii/mmcif_pdbx.dic 
# 
loop_
_database_2.database_id 
_database_2.database_code 
_database_2.pdbx_database_accession 
_database_2.pdbx_DOI 
PDB   128D         pdb_0000128d 10.2210/pdb128d/pdb 
RCSB  GDLB19       ?            ?                   
WWPDB D_1000170065 ?            ?                   
# 
loop_
_pdbx_audit_revision_history.ordinal 
_pdbx_audit_revision_history.data_content_type 
_pdbx_audit_revision_history.major_revision 
_pdbx_audit_revision_history.minor_revision 
_pdbx_audit_revision_history.revision_date 
1 'Structure model' 1 0 1994-01-15 
2 'Structure model' 1 1 2008-05-22 
3 'Structure model' 1 2 2011-07-13 
4 'Structure model' 1 3 2024-02-07 
# 
_pdbx_audit_revision_details.ordinal             1 
_pdbx_audit_revision_details.revision_ordinal    1 
_pdbx_audit_revision_details.data_content_type   'Structure model' 
_pdbx_audit_revision_details.provider            repository 
_pdbx_audit_revision_details.type                'Initial release' 
_pdbx_audit_revision_details.description         ? 
_pdbx_audit_revision_details.details             ? 
# 
loop_
_pdbx_audit_revision_group.ordinal 
_pdbx_audit_revision_group.revision_ordinal 
_pdbx_audit_revision_group.data_content_type 
_pdbx_audit_revision_group.group 
1 2 'Structure model' 'Version format compliance' 
2 3 'Structure model' 'Version format compliance' 
3 4 'Structure model' 'Data collection'           
4 4 'Structure model' 'Database references'       
5 4 'Structure model' 'Derived calculations'      
# 
loop_
_pdbx_audit_revision_category.ordinal 
_pdbx_audit_revision_category.revision_ordinal 
_pdbx_audit_revision_category.data_content_type 
_pdbx_audit_revision_category.category 
1 4 'Structure model' chem_comp_atom 
2 4 'Structure model' chem_comp_bond 
3 4 'Structure model' database_2     
4 4 'Structure model' struct_conn    
5 4 'Structure model' struct_site    
# 
loop_
_pdbx_audit_revision_item.ordinal 
_pdbx_audit_revision_item.revision_ordinal 
_pdbx_audit_revision_item.data_content_type 
_pdbx_audit_revision_item.item 
1 4 'Structure model' '_database_2.pdbx_DOI'                
2 4 'Structure model' '_database_2.pdbx_database_accession' 
3 4 'Structure model' '_struct_conn.pdbx_leaving_atom_flag' 
4 4 'Structure model' '_struct_site.pdbx_auth_asym_id'      
5 4 'Structure model' '_struct_site.pdbx_auth_comp_id'      
6 4 'Structure model' '_struct_site.pdbx_auth_seq_id'       
# 
_pdbx_database_status.status_code                     REL 
_pdbx_database_status.entry_id                        128D 
_pdbx_database_status.recvd_initial_deposition_date   1993-06-30 
_pdbx_database_status.deposit_site                    BNL 
_pdbx_database_status.process_site                    NDB 
_pdbx_database_status.SG_entry                        . 
_pdbx_database_status.pdb_format_compatible           Y 
_pdbx_database_status.status_code_mr                  ? 
_pdbx_database_status.status_code_sf                  ? 
_pdbx_database_status.status_code_cs                  ? 
_pdbx_database_status.status_code_nmr_data            ? 
_pdbx_database_status.methods_development_category    ? 
# 
loop_
_audit_author.name 
_audit_author.pdbx_ordinal 
'Sriram, M.'          1 
'Van Der Marel, G.A.' 2 
'Roelen, H.L.P.F.'    3 
'Van Boom, J.H.'      4 
'Wang, A.H.-J.'       5 
# 
_citation.id                        primary 
_citation.title                     
;Conformation of B-DNA containing O6-ethyl-G-C base pairs stabilized by minor groove binding drugs: molecular structure of d(CGC[e6G]AATTCGCG complexed with Hoechst 33258 or Hoechst 33342.
;
_citation.journal_abbrev            'EMBO J.' 
_citation.journal_volume            11 
_citation.page_first                225 
_citation.page_last                 232 
_citation.year                      1992 
_citation.journal_id_ASTM           EMJODG 
_citation.country                   UK 
_citation.journal_id_ISSN           0261-4189 
_citation.journal_id_CSD            0897 
_citation.book_publisher            ? 
_citation.pdbx_database_id_PubMed   1371249 
_citation.pdbx_database_id_DOI      ? 
# 
loop_
_citation_author.citation_id 
_citation_author.name 
_citation_author.ordinal 
_citation_author.identifier_ORCID 
primary 'Sriram, M.'          1 ? 
primary 'van der Marel, G.A.' 2 ? 
primary 'Roelen, H.L.'        3 ? 
primary 'van Boom, J.H.'      4 ? 
primary 'Wang, A.H.'          5 ? 
# 
loop_
_entity.id 
_entity.type 
_entity.src_method 
_entity.pdbx_description 
_entity.formula_weight 
_entity.pdbx_number_of_molecules 
_entity.pdbx_ec 
_entity.pdbx_mutation 
_entity.pdbx_fragment 
_entity.details 
1 polymer     syn 
;DNA (5'-D(*CP*GP*CP*(G36)P*AP*AP*TP*TP*CP*GP*CP*G)-3')
;
3691.445 2  ? ? ? ? 
2 non-polymer syn "2'-(4-HYDROXYPHENYL)-5-(4-METHYL-1-PIPERAZINYL)-2,5'-BI-BENZIMIDAZOLE" 424.498  1  ? ? ? ? 
3 water       nat water                                                                   18.015   68 ? ? ? ? 
# 
_entity_poly.entity_id                      1 
_entity_poly.type                           polydeoxyribonucleotide 
_entity_poly.nstd_linkage                   no 
_entity_poly.nstd_monomer                   yes 
_entity_poly.pdbx_seq_one_letter_code       '(DC)(DG)(DC)(G36)(DA)(DA)(DT)(DT)(DC)(DG)(DC)(DG)' 
_entity_poly.pdbx_seq_one_letter_code_can   CGCGAATTCGCG 
_entity_poly.pdbx_strand_id                 A,B 
_entity_poly.pdbx_target_identifier         ? 
# 
loop_
_pdbx_entity_nonpoly.entity_id 
_pdbx_entity_nonpoly.name 
_pdbx_entity_nonpoly.comp_id 
2 "2'-(4-HYDROXYPHENYL)-5-(4-METHYL-1-PIPERAZINYL)-2,5'-BI-BENZIMIDAZOLE" HT  
3 water                                                                   HOH 
# 
loop_
_entity_poly_seq.entity_id 
_entity_poly_seq.num 
_entity_poly_seq.mon_id 
_entity_poly_seq.hetero 
1 1  DC  n 
1 2  DG  n 
1 3  DC  n 
1 4  G36 n 
1 5  DA  n 
1 6  DA  n 
1 7  DT  n 
1 8  DT  n 
1 9  DC  n 
1 10 DG  n 
1 11 DC  n 
1 12 DG  n 
# 
loop_
_chem_comp.id 
_chem_comp.type 
_chem_comp.mon_nstd_flag 
_chem_comp.name 
_chem_comp.pdbx_synonyms 
_chem_comp.formula 
_chem_comp.formula_weight 
DA  'DNA linking' y "2'-DEOXYADENOSINE-5'-MONOPHOSPHATE"                                    ?               'C10 H14 N5 O6 P' 
331.222 
DC  'DNA linking' y "2'-DEOXYCYTIDINE-5'-MONOPHOSPHATE"                                     ?               'C9 H14 N3 O7 P'  
307.197 
DG  'DNA linking' y "2'-DEOXYGUANOSINE-5'-MONOPHOSPHATE"                                    ?               'C10 H14 N5 O7 P' 
347.221 
DT  'DNA linking' y "THYMIDINE-5'-MONOPHOSPHATE"                                            ?               'C10 H15 N2 O8 P' 
322.208 
G36 'DNA linking' n "O6-ETHYL-2'-DEOXYGUANOSINE-5'-MONOPHOSPHATE"                           ?               'C12 H18 N5 O7 P' 
375.274 
HOH non-polymer   . WATER                                                                   ?               'H2 O'            
18.015  
HT  non-polymer   . "2'-(4-HYDROXYPHENYL)-5-(4-METHYL-1-PIPERAZINYL)-2,5'-BI-BENZIMIDAZOLE" 'HOECHST 33258' 'C25 H24 N6 O'    
424.498 
# 
loop_
_pdbx_poly_seq_scheme.asym_id 
_pdbx_poly_seq_scheme.entity_id 
_pdbx_poly_seq_scheme.seq_id 
_pdbx_poly_seq_scheme.mon_id 
_pdbx_poly_seq_scheme.ndb_seq_num 
_pdbx_poly_seq_scheme.pdb_seq_num 
_pdbx_poly_seq_scheme.auth_seq_num 
_pdbx_poly_seq_scheme.pdb_mon_id 
_pdbx_poly_seq_scheme.auth_mon_id 
_pdbx_poly_seq_scheme.pdb_strand_id 
_pdbx_poly_seq_scheme.pdb_ins_code 
_pdbx_poly_seq_scheme.hetero 
A 1 1  DC  1  1  1  DC  C  A . n 
A 1 2  DG  2  2  2  DG  G  A . n 
A 1 3  DC  3  3  3  DC  C  A . n 
A 1 4  G36 4  4  4  G36 +G A . n 
A 1 5  DA  5  5  5  DA  A  A . n 
A 1 6  DA  6  6  6  DA  A  A . n 
A 1 7  DT  7  7  7  DT  T  A . n 
A 1 8  DT  8  8  8  DT  T  A . n 
A 1 9  DC  9  9  9  DC  C  A . n 
A 1 10 DG  10 10 10 DG  G  A . n 
A 1 11 DC  11 11 11 DC  C  A . n 
A 1 12 DG  12 12 12 DG  G  A . n 
B 1 1  DC  1  13 13 DC  C  B . n 
B 1 2  DG  2  14 14 DG  G  B . n 
B 1 3  DC  3  15 15 DC  C  B . n 
B 1 4  G36 4  16 16 G36 +G B . n 
B 1 5  DA  5  17 17 DA  A  B . n 
B 1 6  DA  6  18 18 DA  A  B . n 
B 1 7  DT  7  19 19 DT  T  B . n 
B 1 8  DT  8  20 20 DT  T  B . n 
B 1 9  DC  9  21 21 DC  C  B . n 
B 1 10 DG  10 22 22 DG  G  B . n 
B 1 11 DC  11 23 23 DC  C  B . n 
B 1 12 DG  12 24 24 DG  G  B . n 
# 
loop_
_pdbx_nonpoly_scheme.asym_id 
_pdbx_nonpoly_scheme.entity_id 
_pdbx_nonpoly_scheme.mon_id 
_pdbx_nonpoly_scheme.ndb_seq_num 
_pdbx_nonpoly_scheme.pdb_seq_num 
_pdbx_nonpoly_scheme.auth_seq_num 
_pdbx_nonpoly_scheme.pdb_mon_id 
_pdbx_nonpoly_scheme.auth_mon_id 
_pdbx_nonpoly_scheme.pdb_strand_id 
_pdbx_nonpoly_scheme.pdb_ins_code 
C 2 HT  1  25 25 HT  HT  A . 
D 3 HOH 1  26 26 HOH HOH A . 
D 3 HOH 2  27 27 HOH HOH A . 
D 3 HOH 3  29 29 HOH HOH A . 
D 3 HOH 4  31 31 HOH HOH A . 
D 3 HOH 5  36 36 HOH HOH A . 
D 3 HOH 6  42 42 HOH HOH A . 
D 3 HOH 7  44 44 HOH HOH A . 
D 3 HOH 8  46 46 HOH HOH A . 
D 3 HOH 9  49 49 HOH HOH A . 
D 3 HOH 10 53 53 HOH HOH A . 
D 3 HOH 11 55 55 HOH HOH A . 
D 3 HOH 12 56 56 HOH HOH A . 
D 3 HOH 13 57 57 HOH HOH A . 
D 3 HOH 14 60 60 HOH HOH A . 
D 3 HOH 15 69 69 HOH HOH A . 
D 3 HOH 16 70 70 HOH HOH A . 
D 3 HOH 17 77 77 HOH HOH A . 
D 3 HOH 18 81 81 HOH HOH A . 
D 3 HOH 19 91 91 HOH HOH A . 
E 3 HOH 1  28 28 HOH HOH B . 
E 3 HOH 2  30 30 HOH HOH B . 
E 3 HOH 3  32 32 HOH HOH B . 
E 3 HOH 4  33 33 HOH HOH B . 
E 3 HOH 5  34 34 HOH HOH B . 
E 3 HOH 6  35 35 HOH HOH B . 
E 3 HOH 7  37 37 HOH HOH B . 
E 3 HOH 8  38 38 HOH HOH B . 
E 3 HOH 9  39 39 HOH HOH B . 
E 3 HOH 10 40 40 HOH HOH B . 
E 3 HOH 11 41 41 HOH HOH B . 
E 3 HOH 12 43 43 HOH HOH B . 
E 3 HOH 13 45 45 HOH HOH B . 
E 3 HOH 14 47 47 HOH HOH B . 
E 3 HOH 15 48 48 HOH HOH B . 
E 3 HOH 16 50 50 HOH HOH B . 
E 3 HOH 17 51 51 HOH HOH B . 
E 3 HOH 18 52 52 HOH HOH B . 
E 3 HOH 19 54 54 HOH HOH B . 
E 3 HOH 20 58 58 HOH HOH B . 
E 3 HOH 21 59 59 HOH HOH B . 
E 3 HOH 22 61 61 HOH HOH B . 
E 3 HOH 23 62 62 HOH HOH B . 
E 3 HOH 24 63 63 HOH HOH B . 
E 3 HOH 25 64 64 HOH HOH B . 
E 3 HOH 26 65 65 HOH HOH B . 
E 3 HOH 27 66 66 HOH HOH B . 
E 3 HOH 28 67 67 HOH HOH B . 
E 3 HOH 29 68 68 HOH HOH B . 
E 3 HOH 30 71 71 HOH HOH B . 
E 3 HOH 31 72 72 HOH HOH B . 
E 3 HOH 32 73 73 HOH HOH B . 
E 3 HOH 33 74 74 HOH HOH B . 
E 3 HOH 34 75 75 HOH HOH B . 
E 3 HOH 35 76 76 HOH HOH B . 
E 3 HOH 36 78 78 HOH HOH B . 
E 3 HOH 37 79 79 HOH HOH B . 
E 3 HOH 38 80 80 HOH HOH B . 
E 3 HOH 39 82 82 HOH HOH B . 
E 3 HOH 40 83 83 HOH HOH B . 
E 3 HOH 41 84 84 HOH HOH B . 
E 3 HOH 42 85 85 HOH HOH B . 
E 3 HOH 43 86 86 HOH HOH B . 
E 3 HOH 44 87 87 HOH HOH B . 
E 3 HOH 45 88 88 HOH HOH B . 
E 3 HOH 46 89 89 HOH HOH B . 
E 3 HOH 47 90 90 HOH HOH B . 
E 3 HOH 48 92 92 HOH HOH B . 
E 3 HOH 49 93 93 HOH HOH B . 
# 
_software.name             NUCLSQ 
_software.classification   refinement 
_software.version          . 
_software.citation_id      ? 
_software.pdbx_ordinal     1 
# 
_cell.entry_id           128D 
_cell.length_a           25.640 
_cell.length_b           41.310 
_cell.length_c           66.990 
_cell.angle_alpha        90.00 
_cell.angle_beta         90.00 
_cell.angle_gamma        90.00 
_cell.Z_PDB              8 
_cell.pdbx_unique_axis   ? 
# 
_symmetry.entry_id                         128D 
_symmetry.space_group_name_H-M             'P 21 21 21' 
_symmetry.pdbx_full_space_group_name_H-M   ? 
_symmetry.cell_setting                     ? 
_symmetry.Int_Tables_number                19 
# 
_exptl.entry_id          128D 
_exptl.method            'X-RAY DIFFRACTION' 
_exptl.crystals_number   ? 
# 
_exptl_crystal.id                    1 
_exptl_crystal.density_meas          ? 
_exptl_crystal.density_Matthews      2.40 
_exptl_crystal.density_percent_sol   48.81 
_exptl_crystal.description           ? 
# 
_exptl_crystal_grow.crystal_id      1 
_exptl_crystal_grow.method          'VAPOR DIFFUSION' 
_exptl_crystal_grow.temp            ? 
_exptl_crystal_grow.temp_details    'ROOM TEMPERATURE' 
_exptl_crystal_grow.pH              6.00 
_exptl_crystal_grow.pdbx_details    'pH 6.00, VAPOR DIFFUSION' 
_exptl_crystal_grow.pdbx_pH_range   ? 
# 
loop_
_exptl_crystal_grow_comp.crystal_id 
_exptl_crystal_grow_comp.id 
_exptl_crystal_grow_comp.sol_id 
_exptl_crystal_grow_comp.name 
_exptl_crystal_grow_comp.volume 
_exptl_crystal_grow_comp.conc 
_exptl_crystal_grow_comp.details 
1 1 1 WATER           ? ? ? 
1 2 1 MPD             ? ? ? 
1 3 1 'NA CACODYLATE' ? ? ? 
1 4 1 MGCL2           ? ? ? 
1 5 1 SPERMINE        ? ? ? 
1 6 2 WATER           ? ? ? 
1 7 2 MPD             ? ? ? 
# 
_diffrn.id                     1 
_diffrn.ambient_temp           ? 
_diffrn.ambient_temp_details   'ROOM TEMPERATURE' 
_diffrn.crystal_id             1 
# 
_diffrn_detector.diffrn_id              1 
_diffrn_detector.detector               DIFFRACTOMETER 
_diffrn_detector.type                   'RIGAKU AFC-5R' 
_diffrn_detector.pdbx_collection_date   ? 
_diffrn_detector.details                ? 
# 
_diffrn_radiation.diffrn_id                        1 
_diffrn_radiation.wavelength_id                    1 
_diffrn_radiation.pdbx_monochromatic_or_laue_m_l   ? 
_diffrn_radiation.monochromator                    ? 
_diffrn_radiation.pdbx_diffrn_protocol             ? 
_diffrn_radiation.pdbx_scattering_type             x-ray 
# 
_diffrn_radiation_wavelength.id           1 
_diffrn_radiation_wavelength.wavelength   . 
_diffrn_radiation_wavelength.wt           1.0 
# 
_diffrn_source.diffrn_id                   1 
_diffrn_source.source                      'ROTATING ANODE' 
_diffrn_source.type                        ? 
_diffrn_source.pdbx_synchrotron_site       ? 
_diffrn_source.pdbx_synchrotron_beamline   ? 
_diffrn_source.pdbx_wavelength             ? 
_diffrn_source.pdbx_wavelength_list        ? 
# 
_reflns.entry_id                     128D 
_reflns.observed_criterion_sigma_I   ? 
_reflns.observed_criterion_sigma_F   2.000 
_reflns.d_resolution_low             ? 
_reflns.d_resolution_high            2.500 
_reflns.number_obs                   1225 
_reflns.number_all                   ? 
_reflns.percent_possible_obs         ? 
_reflns.pdbx_Rmerge_I_obs            ? 
_reflns.pdbx_Rsym_value              ? 
_reflns.pdbx_netI_over_sigmaI        ? 
_reflns.B_iso_Wilson_estimate        ? 
_reflns.pdbx_redundancy              ? 
_reflns.pdbx_diffrn_id               1 
_reflns.pdbx_ordinal                 1 
# 
_refine.entry_id                                 128D 
_refine.ls_number_reflns_obs                     1225 
_refine.ls_number_reflns_all                     ? 
_refine.pdbx_ls_sigma_I                          ? 
_refine.pdbx_ls_sigma_F                          2.000 
_refine.pdbx_data_cutoff_high_absF               ? 
_refine.pdbx_data_cutoff_low_absF                ? 
_refine.pdbx_data_cutoff_high_rms_absF           ? 
_refine.ls_d_res_low                             ? 
_refine.ls_d_res_high                            2.500 
_refine.ls_percent_reflns_obs                    ? 
_refine.ls_R_factor_obs                          0.145 
_refine.ls_R_factor_all                          ? 
_refine.ls_R_factor_R_work                       ? 
_refine.ls_R_factor_R_free                       ? 
_refine.ls_R_factor_R_free_error                 ? 
_refine.ls_R_factor_R_free_error_details         ? 
_refine.ls_percent_reflns_R_free                 ? 
_refine.ls_number_reflns_R_free                  ? 
_refine.ls_number_parameters                     ? 
_refine.ls_number_restraints                     ? 
_refine.occupancy_min                            ? 
_refine.occupancy_max                            ? 
_refine.B_iso_mean                               ? 
_refine.aniso_B[1][1]                            ? 
_refine.aniso_B[2][2]                            ? 
_refine.aniso_B[3][3]                            ? 
_refine.aniso_B[1][2]                            ? 
_refine.aniso_B[1][3]                            ? 
_refine.aniso_B[2][3]                            ? 
_refine.solvent_model_details                    ? 
_refine.solvent_model_param_ksol                 ? 
_refine.solvent_model_param_bsol                 ? 
_refine.pdbx_ls_cross_valid_method               ? 
_refine.details                                  ? 
_refine.pdbx_starting_model                      ? 
_refine.pdbx_method_to_determine_struct          ? 
_refine.pdbx_isotropic_thermal_model             ? 
_refine.pdbx_stereochemistry_target_values       ? 
_refine.pdbx_stereochem_target_val_spec_case     ? 
_refine.pdbx_R_Free_selection_details            ? 
_refine.pdbx_overall_ESU_R                       ? 
_refine.pdbx_overall_ESU_R_Free                  ? 
_refine.overall_SU_ML                            ? 
_refine.overall_SU_B                             ? 
_refine.pdbx_refine_id                           'X-RAY DIFFRACTION' 
_refine.pdbx_diffrn_id                           1 
_refine.pdbx_TLS_residual_ADP_flag               ? 
_refine.correlation_coeff_Fo_to_Fc               ? 
_refine.correlation_coeff_Fo_to_Fc_free          ? 
_refine.pdbx_solvent_vdw_probe_radii             ? 
_refine.pdbx_solvent_ion_probe_radii             ? 
_refine.pdbx_solvent_shrinkage_radii             ? 
_refine.pdbx_overall_phase_error                 ? 
_refine.overall_SU_R_Cruickshank_DPI             ? 
_refine.pdbx_overall_SU_R_free_Cruickshank_DPI   ? 
_refine.pdbx_overall_SU_R_Blow_DPI               ? 
_refine.pdbx_overall_SU_R_free_Blow_DPI          ? 
# 
_refine_hist.pdbx_refine_id                   'X-RAY DIFFRACTION' 
_refine_hist.cycle_id                         LAST 
_refine_hist.pdbx_number_atoms_protein        0 
_refine_hist.pdbx_number_atoms_nucleic_acid   486 
_refine_hist.pdbx_number_atoms_ligand         36 
_refine_hist.number_atoms_solvent             68 
_refine_hist.number_atoms_total               590 
_refine_hist.d_res_high                       2.500 
_refine_hist.d_res_low                        . 
# 
loop_
_refine_ls_restr.type 
_refine_ls_restr.dev_ideal 
_refine_ls_restr.dev_ideal_target 
_refine_ls_restr.weight 
_refine_ls_restr.number 
_refine_ls_restr.pdbx_refine_id 
_refine_ls_restr.pdbx_restraint_function 
n_bond_d               0.020 ? ? ? 'X-RAY DIFFRACTION' ? 
n_angle_d              ?     ? ? ? 'X-RAY DIFFRACTION' ? 
n_planar_d             ?     ? ? ? 'X-RAY DIFFRACTION' ? 
n_hb_or_metal_coord    ?     ? ? ? 'X-RAY DIFFRACTION' ? 
n_sugar_bond_it        ?     ? ? ? 'X-RAY DIFFRACTION' ? 
n_sugar_angle_it       ?     ? ? ? 'X-RAY DIFFRACTION' ? 
n_phos_bond_it         ?     ? ? ? 'X-RAY DIFFRACTION' ? 
n_phos_angle_it        ?     ? ? ? 'X-RAY DIFFRACTION' ? 
n_bond_angle_restr     ?     ? ? ? 'X-RAY DIFFRACTION' ? 
n_dihedral_angle_restr ?     ? ? ? 'X-RAY DIFFRACTION' ? 
n_impr_tor             ?     ? ? ? 'X-RAY DIFFRACTION' ? 
n_sugar_bond_d         ?     ? ? ? 'X-RAY DIFFRACTION' ? 
n_sugar_bond_angle_d   ?     ? ? ? 'X-RAY DIFFRACTION' ? 
n_phos_bond_d          ?     ? ? ? 'X-RAY DIFFRACTION' ? 
n_phos_bond_angle_d    ?     ? ? ? 'X-RAY DIFFRACTION' ? 
n_plane_restr          ?     ? ? ? 'X-RAY DIFFRACTION' ? 
n_chiral_restr         ?     ? ? ? 'X-RAY DIFFRACTION' ? 
n_singtor_nbd          ?     ? ? ? 'X-RAY DIFFRACTION' ? 
n_multtor_nbd          ?     ? ? ? 'X-RAY DIFFRACTION' ? 
n_xhyhbond_nbd         ?     ? ? ? 'X-RAY DIFFRACTION' ? 
# 
_struct.entry_id                  128D 
_struct.title                     'MOLECULAR STRUCTURE OF D(CGC[E6G]AATTCGCG) COMPLEXED WITH HOECHST 33258' 
_struct.pdbx_model_details        ? 
_struct.pdbx_CASP_flag            ? 
_struct.pdbx_model_type_details   ? 
# 
_struct_keywords.entry_id        128D 
_struct_keywords.pdbx_keywords   DNA 
_struct_keywords.text            'B-DNA, DOUBLE HELIX, COMPLEXED WITH DRUG, MODIFIED, DNA' 
# 
loop_
_struct_asym.id 
_struct_asym.pdbx_blank_PDB_chainid_flag 
_struct_asym.pdbx_modified 
_struct_asym.entity_id 
_struct_asym.details 
A N N 1 ? 
B N N 1 ? 
C N N 2 ? 
D N N 3 ? 
E N N 3 ? 
# 
_struct_ref.id                         1 
_struct_ref.entity_id                  1 
_struct_ref.db_name                    PDB 
_struct_ref.db_code                    128D 
_struct_ref.pdbx_db_accession          128D 
_struct_ref.pdbx_db_isoform            ? 
_struct_ref.pdbx_seq_one_letter_code   ? 
_struct_ref.pdbx_align_begin           ? 
# 
loop_
_struct_ref_seq.align_id 
_struct_ref_seq.ref_id 
_struct_ref_seq.pdbx_PDB_id_code 
_struct_ref_seq.pdbx_strand_id 
_struct_ref_seq.seq_align_beg 
_struct_ref_seq.pdbx_seq_align_beg_ins_code 
_struct_ref_seq.seq_align_end 
_struct_ref_seq.pdbx_seq_align_end_ins_code 
_struct_ref_seq.pdbx_db_accession 
_struct_ref_seq.db_align_beg 
_struct_ref_seq.pdbx_db_align_beg_ins_code 
_struct_ref_seq.db_align_end 
_struct_ref_seq.pdbx_db_align_end_ins_code 
_struct_ref_seq.pdbx_auth_seq_align_beg 
_struct_ref_seq.pdbx_auth_seq_align_end 
1 1 128D A 1 ? 12 ? 128D 1  ? 12 ? 1  12 
2 1 128D B 1 ? 12 ? 128D 13 ? 24 ? 13 24 
# 
_pdbx_struct_assembly.id                   1 
_pdbx_struct_assembly.details              author_defined_assembly 
_pdbx_struct_assembly.method_details       ? 
_pdbx_struct_assembly.oligomeric_details   dimeric 
_pdbx_struct_assembly.oligomeric_count     2 
# 
_pdbx_struct_assembly_gen.assembly_id       1 
_pdbx_struct_assembly_gen.oper_expression   1 
_pdbx_struct_assembly_gen.asym_id_list      A,B,C,D,E 
# 
_pdbx_struct_oper_list.id                   1 
_pdbx_struct_oper_list.type                 'identity operation' 
_pdbx_struct_oper_list.name                 1_555 
_pdbx_struct_oper_list.symmetry_operation   x,y,z 
_pdbx_struct_oper_list.matrix[1][1]         1.0000000000 
_pdbx_struct_oper_list.matrix[1][2]         0.0000000000 
_pdbx_struct_oper_list.matrix[1][3]         0.0000000000 
_pdbx_struct_oper_list.vector[1]            0.0000000000 
_pdbx_struct_oper_list.matrix[2][1]         0.0000000000 
_pdbx_struct_oper_list.matrix[2][2]         1.0000000000 
_pdbx_struct_oper_list.matrix[2][3]         0.0000000000 
_pdbx_struct_oper_list.vector[2]            0.0000000000 
_pdbx_struct_oper_list.matrix[3][1]         0.0000000000 
_pdbx_struct_oper_list.matrix[3][2]         0.0000000000 
_pdbx_struct_oper_list.matrix[3][3]         1.0000000000 
_pdbx_struct_oper_list.vector[3]            0.0000000000 
# 
_struct_biol.id   1 
# 
loop_
_struct_conn.id 
_struct_conn.conn_type_id 
_struct_conn.pdbx_leaving_atom_flag 
_struct_conn.pdbx_PDB_id 
_struct_conn.ptnr1_label_asym_id 
_struct_conn.ptnr1_label_comp_id 
_struct_conn.ptnr1_label_seq_id 
_struct_conn.ptnr1_label_atom_id 
_struct_conn.pdbx_ptnr1_label_alt_id 
_struct_conn.pdbx_ptnr1_PDB_ins_code 
_struct_conn.pdbx_ptnr1_standard_comp_id 
_struct_conn.ptnr1_symmetry 
_struct_conn.ptnr2_label_asym_id 
_struct_conn.ptnr2_label_comp_id 
_struct_conn.ptnr2_label_seq_id 
_struct_conn.ptnr2_label_atom_id 
_struct_conn.pdbx_ptnr2_label_alt_id 
_struct_conn.pdbx_ptnr2_PDB_ins_code 
_struct_conn.ptnr1_auth_asym_id 
_struct_conn.ptnr1_auth_comp_id 
_struct_conn.ptnr1_auth_seq_id 
_struct_conn.ptnr2_auth_asym_id 
_struct_conn.ptnr2_auth_comp_id 
_struct_conn.ptnr2_auth_seq_id 
_struct_conn.ptnr2_symmetry 
_struct_conn.pdbx_ptnr3_label_atom_id 
_struct_conn.pdbx_ptnr3_label_seq_id 
_struct_conn.pdbx_ptnr3_label_comp_id 
_struct_conn.pdbx_ptnr3_label_asym_id 
_struct_conn.pdbx_ptnr3_label_alt_id 
_struct_conn.pdbx_ptnr3_PDB_ins_code 
_struct_conn.details 
_struct_conn.pdbx_dist_value 
_struct_conn.pdbx_value_order 
_struct_conn.pdbx_role 
covale1  covale both ? A DC  3  "O3'" ? ? ? 1_555 A G36 4  P  ? ? A DC  3  A G36 4  1_555 ? ? ? ? ? ? ?            1.622 ? ? 
covale2  covale one  ? A G36 4  "O3'" ? ? ? 1_555 A DA  5  P  ? ? A G36 4  A DA  5  1_555 ? ? ? ? ? ? ?            1.629 ? ? 
covale3  covale both ? B DC  3  "O3'" ? ? ? 1_555 B G36 4  P  ? ? B DC  15 B G36 16 1_555 ? ? ? ? ? ? ?            1.597 ? ? 
covale4  covale one  ? B G36 4  "O3'" ? ? ? 1_555 B DA  5  P  ? ? B G36 16 B DA  17 1_555 ? ? ? ? ? ? ?            1.642 ? ? 
hydrog1  hydrog ?    ? A DC  1  N3    ? ? ? 1_555 B DG  12 N1 ? ? A DC  1  B DG  24 1_555 ? ? ? ? ? ? WATSON-CRICK ?     ? ? 
hydrog2  hydrog ?    ? A DC  1  N4    ? ? ? 1_555 B DG  12 O6 ? ? A DC  1  B DG  24 1_555 ? ? ? ? ? ? WATSON-CRICK ?     ? ? 
hydrog3  hydrog ?    ? A DC  1  O2    ? ? ? 1_555 B DG  12 N2 ? ? A DC  1  B DG  24 1_555 ? ? ? ? ? ? WATSON-CRICK ?     ? ? 
hydrog4  hydrog ?    ? A DG  2  N1    ? ? ? 1_555 B DC  11 N3 ? ? A DG  2  B DC  23 1_555 ? ? ? ? ? ? WATSON-CRICK ?     ? ? 
hydrog5  hydrog ?    ? A DG  2  N2    ? ? ? 1_555 B DC  11 O2 ? ? A DG  2  B DC  23 1_555 ? ? ? ? ? ? WATSON-CRICK ?     ? ? 
hydrog6  hydrog ?    ? A DG  2  O6    ? ? ? 1_555 B DC  11 N4 ? ? A DG  2  B DC  23 1_555 ? ? ? ? ? ? WATSON-CRICK ?     ? ? 
hydrog7  hydrog ?    ? A DC  3  N3    ? ? ? 1_555 B DG  10 N1 ? ? A DC  3  B DG  22 1_555 ? ? ? ? ? ? WATSON-CRICK ?     ? ? 
hydrog8  hydrog ?    ? A DC  3  N4    ? ? ? 1_555 B DG  10 O6 ? ? A DC  3  B DG  22 1_555 ? ? ? ? ? ? WATSON-CRICK ?     ? ? 
hydrog9  hydrog ?    ? A DC  3  O2    ? ? ? 1_555 B DG  10 N2 ? ? A DC  3  B DG  22 1_555 ? ? ? ? ? ? WATSON-CRICK ?     ? ? 
hydrog10 hydrog ?    ? A G36 4  N1    ? ? ? 1_555 B DC  9  N3 ? ? A G36 4  B DC  21 1_555 ? ? ? ? ? ? WATSON-CRICK ?     ? ? 
hydrog11 hydrog ?    ? A G36 4  N2    ? ? ? 1_555 B DC  9  O2 ? ? A G36 4  B DC  21 1_555 ? ? ? ? ? ? WATSON-CRICK ?     ? ? 
hydrog12 hydrog ?    ? A G36 4  O6    ? ? ? 1_555 B DC  9  N4 ? ? A G36 4  B DC  21 1_555 ? ? ? ? ? ? WATSON-CRICK ?     ? ? 
hydrog13 hydrog ?    ? A DA  5  N1    ? ? ? 1_555 B DT  8  N3 ? ? A DA  5  B DT  20 1_555 ? ? ? ? ? ? WATSON-CRICK ?     ? ? 
hydrog14 hydrog ?    ? A DA  5  N6    ? ? ? 1_555 B DT  8  O4 ? ? A DA  5  B DT  20 1_555 ? ? ? ? ? ? WATSON-CRICK ?     ? ? 
hydrog15 hydrog ?    ? A DA  6  N1    ? ? ? 1_555 B DT  7  N3 ? ? A DA  6  B DT  19 1_555 ? ? ? ? ? ? WATSON-CRICK ?     ? ? 
hydrog16 hydrog ?    ? A DA  6  N6    ? ? ? 1_555 B DT  7  O4 ? ? A DA  6  B DT  19 1_555 ? ? ? ? ? ? WATSON-CRICK ?     ? ? 
hydrog17 hydrog ?    ? A DT  7  N3    ? ? ? 1_555 B DA  6  N1 ? ? A DT  7  B DA  18 1_555 ? ? ? ? ? ? WATSON-CRICK ?     ? ? 
hydrog18 hydrog ?    ? A DT  7  O4    ? ? ? 1_555 B DA  6  N6 ? ? A DT  7  B DA  18 1_555 ? ? ? ? ? ? WATSON-CRICK ?     ? ? 
hydrog19 hydrog ?    ? A DT  8  N3    ? ? ? 1_555 B DA  5  N1 ? ? A DT  8  B DA  17 1_555 ? ? ? ? ? ? WATSON-CRICK ?     ? ? 
hydrog20 hydrog ?    ? A DT  8  O4    ? ? ? 1_555 B DA  5  N6 ? ? A DT  8  B DA  17 1_555 ? ? ? ? ? ? WATSON-CRICK ?     ? ? 
hydrog21 hydrog ?    ? A DC  9  N3    ? ? ? 1_555 B G36 4  N1 ? ? A DC  9  B G36 16 1_555 ? ? ? ? ? ? WATSON-CRICK ?     ? ? 
hydrog22 hydrog ?    ? A DC  9  N4    ? ? ? 1_555 B G36 4  O6 ? ? A DC  9  B G36 16 1_555 ? ? ? ? ? ? WATSON-CRICK ?     ? ? 
hydrog23 hydrog ?    ? A DC  9  O2    ? ? ? 1_555 B G36 4  N2 ? ? A DC  9  B G36 16 1_555 ? ? ? ? ? ? WATSON-CRICK ?     ? ? 
hydrog24 hydrog ?    ? A DG  10 N1    ? ? ? 1_555 B DC  3  N3 ? ? A DG  10 B DC  15 1_555 ? ? ? ? ? ? WATSON-CRICK ?     ? ? 
hydrog25 hydrog ?    ? A DG  10 N2    ? ? ? 1_555 B DC  3  O2 ? ? A DG  10 B DC  15 1_555 ? ? ? ? ? ? WATSON-CRICK ?     ? ? 
hydrog26 hydrog ?    ? A DG  10 O6    ? ? ? 1_555 B DC  3  N4 ? ? A DG  10 B DC  15 1_555 ? ? ? ? ? ? WATSON-CRICK ?     ? ? 
hydrog27 hydrog ?    ? A DC  11 N3    ? ? ? 1_555 B DG  2  N1 ? ? A DC  11 B DG  14 1_555 ? ? ? ? ? ? WATSON-CRICK ?     ? ? 
hydrog28 hydrog ?    ? A DC  11 N4    ? ? ? 1_555 B DG  2  O6 ? ? A DC  11 B DG  14 1_555 ? ? ? ? ? ? WATSON-CRICK ?     ? ? 
hydrog29 hydrog ?    ? A DC  11 O2    ? ? ? 1_555 B DG  2  N2 ? ? A DC  11 B DG  14 1_555 ? ? ? ? ? ? WATSON-CRICK ?     ? ? 
hydrog30 hydrog ?    ? A DG  12 N1    ? ? ? 1_555 B DC  1  N3 ? ? A DG  12 B DC  13 1_555 ? ? ? ? ? ? WATSON-CRICK ?     ? ? 
hydrog31 hydrog ?    ? A DG  12 N2    ? ? ? 1_555 B DC  1  O2 ? ? A DG  12 B DC  13 1_555 ? ? ? ? ? ? WATSON-CRICK ?     ? ? 
hydrog32 hydrog ?    ? A DG  12 O6    ? ? ? 1_555 B DC  1  N4 ? ? A DG  12 B DC  13 1_555 ? ? ? ? ? ? WATSON-CRICK ?     ? ? 
# 
loop_
_struct_conn_type.id 
_struct_conn_type.criteria 
_struct_conn_type.reference 
covale ? ? 
hydrog ? ? 
# 
loop_
_struct_site.id 
_struct_site.pdbx_evidence_code 
_struct_site.pdbx_auth_asym_id 
_struct_site.pdbx_auth_comp_id 
_struct_site.pdbx_auth_seq_id 
_struct_site.pdbx_auth_ins_code 
_struct_site.pdbx_num_residues 
_struct_site.details 
AC1 Software A HT 25 ? 10 'BINDING SITE FOR RESIDUE HT A 25' 
1   ?        ? ?  ?  ? ?  ?                                  
# 
loop_
_struct_site_gen.id 
_struct_site_gen.site_id 
_struct_site_gen.pdbx_num_res 
_struct_site_gen.label_comp_id 
_struct_site_gen.label_asym_id 
_struct_site_gen.label_seq_id 
_struct_site_gen.pdbx_auth_ins_code 
_struct_site_gen.auth_comp_id 
_struct_site_gen.auth_asym_id 
_struct_site_gen.auth_seq_id 
_struct_site_gen.label_atom_id 
_struct_site_gen.label_alt_id 
_struct_site_gen.symmetry 
_struct_site_gen.details 
1  AC1 10 DA A 5 ? DA A 5  . ? 1_555 ? 
2  AC1 10 DA A 6 ? DA A 6  . ? 1_555 ? 
3  AC1 10 DT A 7 ? DT A 7  . ? 1_555 ? 
4  AC1 10 DT A 8 ? DT A 8  . ? 1_555 ? 
5  AC1 10 DC A 9 ? DC A 9  . ? 1_555 ? 
6  AC1 10 DA B 5 ? DA B 17 . ? 1_555 ? 
7  AC1 10 DA B 6 ? DA B 18 . ? 1_555 ? 
8  AC1 10 DT B 7 ? DT B 19 . ? 1_555 ? 
9  AC1 10 DT B 8 ? DT B 20 . ? 1_555 ? 
10 AC1 10 DC B 9 ? DC B 21 . ? 1_555 ? 
# 
loop_
_pdbx_validate_symm_contact.id 
_pdbx_validate_symm_contact.PDB_model_num 
_pdbx_validate_symm_contact.auth_atom_id_1 
_pdbx_validate_symm_contact.auth_asym_id_1 
_pdbx_validate_symm_contact.auth_comp_id_1 
_pdbx_validate_symm_contact.auth_seq_id_1 
_pdbx_validate_symm_contact.PDB_ins_code_1 
_pdbx_validate_symm_contact.label_alt_id_1 
_pdbx_validate_symm_contact.site_symmetry_1 
_pdbx_validate_symm_contact.auth_atom_id_2 
_pdbx_validate_symm_contact.auth_asym_id_2 
_pdbx_validate_symm_contact.auth_comp_id_2 
_pdbx_validate_symm_contact.auth_seq_id_2 
_pdbx_validate_symm_contact.PDB_ins_code_2 
_pdbx_validate_symm_contact.label_alt_id_2 
_pdbx_validate_symm_contact.site_symmetry_2 
_pdbx_validate_symm_contact.dist 
1 1 "O5'" A DC 1 ? ? 1_555 OP2 A DT 7 ? ? 3_655 2.05 
2 1 "C5'" A DC 1 ? ? 1_555 OP2 A DT 7 ? ? 3_655 2.08 
# 
loop_
_pdbx_validate_rmsd_bond.id 
_pdbx_validate_rmsd_bond.PDB_model_num 
_pdbx_validate_rmsd_bond.auth_atom_id_1 
_pdbx_validate_rmsd_bond.auth_asym_id_1 
_pdbx_validate_rmsd_bond.auth_comp_id_1 
_pdbx_validate_rmsd_bond.auth_seq_id_1 
_pdbx_validate_rmsd_bond.PDB_ins_code_1 
_pdbx_validate_rmsd_bond.label_alt_id_1 
_pdbx_validate_rmsd_bond.auth_atom_id_2 
_pdbx_validate_rmsd_bond.auth_asym_id_2 
_pdbx_validate_rmsd_bond.auth_comp_id_2 
_pdbx_validate_rmsd_bond.auth_seq_id_2 
_pdbx_validate_rmsd_bond.PDB_ins_code_2 
_pdbx_validate_rmsd_bond.label_alt_id_2 
_pdbx_validate_rmsd_bond.bond_value 
_pdbx_validate_rmsd_bond.bond_target_value 
_pdbx_validate_rmsd_bond.bond_deviation 
_pdbx_validate_rmsd_bond.bond_standard_deviation 
_pdbx_validate_rmsd_bond.linker_flag 
1 1 "O3'" A DA 6  ? ? P     A DT 7  ? ? 1.695 1.607 0.088  0.012 Y 
2 1 P     A DT 7  ? ? "O5'" A DT 7  ? ? 1.653 1.593 0.060  0.010 N 
3 1 P     A DC 9  ? ? "O5'" A DC 9  ? ? 1.679 1.593 0.086  0.010 N 
4 1 P     A DC 11 ? ? OP2   A DC 11 ? ? 1.594 1.485 0.109  0.017 N 
5 1 P     A DG 12 ? ? "O5'" A DG 12 ? ? 1.518 1.593 -0.075 0.010 N 
6 1 "O3'" B DC 13 ? ? P     B DG 14 ? ? 1.519 1.607 -0.088 0.012 Y 
7 1 N3    B DC 23 ? ? C4    B DC 23 ? ? 1.378 1.335 0.043  0.007 N 
# 
loop_
_pdbx_validate_rmsd_angle.id 
_pdbx_validate_rmsd_angle.PDB_model_num 
_pdbx_validate_rmsd_angle.auth_atom_id_1 
_pdbx_validate_rmsd_angle.auth_asym_id_1 
_pdbx_validate_rmsd_angle.auth_comp_id_1 
_pdbx_validate_rmsd_angle.auth_seq_id_1 
_pdbx_validate_rmsd_angle.PDB_ins_code_1 
_pdbx_validate_rmsd_angle.label_alt_id_1 
_pdbx_validate_rmsd_angle.auth_atom_id_2 
_pdbx_validate_rmsd_angle.auth_asym_id_2 
_pdbx_validate_rmsd_angle.auth_comp_id_2 
_pdbx_validate_rmsd_angle.auth_seq_id_2 
_pdbx_validate_rmsd_angle.PDB_ins_code_2 
_pdbx_validate_rmsd_angle.label_alt_id_2 
_pdbx_validate_rmsd_angle.auth_atom_id_3 
_pdbx_validate_rmsd_angle.auth_asym_id_3 
_pdbx_validate_rmsd_angle.auth_comp_id_3 
_pdbx_validate_rmsd_angle.auth_seq_id_3 
_pdbx_validate_rmsd_angle.PDB_ins_code_3 
_pdbx_validate_rmsd_angle.label_alt_id_3 
_pdbx_validate_rmsd_angle.angle_value 
_pdbx_validate_rmsd_angle.angle_target_value 
_pdbx_validate_rmsd_angle.angle_deviation 
_pdbx_validate_rmsd_angle.angle_standard_deviation 
_pdbx_validate_rmsd_angle.linker_flag 
1  1 N1    A DC 1  ? ? C2    A DC 1  ? ? O2    A DC 1  ? ? 123.53 118.90 4.63   0.60 N 
2  1 "C3'" A DC 1  ? ? "O3'" A DC 1  ? ? P     A DG 2  ? ? 127.71 119.70 8.01   1.20 Y 
3  1 OP1   A DG 2  ? ? P     A DG 2  ? ? OP2   A DG 2  ? ? 107.83 119.60 -11.77 1.50 N 
4  1 "O5'" A DG 2  ? ? "C5'" A DG 2  ? ? "C4'" A DG 2  ? ? 101.18 109.40 -8.22  0.80 N 
5  1 "O4'" A DG 2  ? ? "C4'" A DG 2  ? ? "C3'" A DG 2  ? ? 101.44 104.50 -3.06  0.40 N 
6  1 "O4'" A DG 2  ? ? "C1'" A DG 2  ? ? N9    A DG 2  ? ? 113.43 108.30 5.13   0.30 N 
7  1 C6    A DG 2  ? ? N1    A DG 2  ? ? C2    A DG 2  ? ? 119.78 125.10 -5.32  0.60 N 
8  1 C5    A DG 2  ? ? C6    A DG 2  ? ? N1    A DG 2  ? ? 115.96 111.50 4.46   0.50 N 
9  1 N1    A DG 2  ? ? C6    A DG 2  ? ? O6    A DG 2  ? ? 115.69 119.90 -4.21  0.60 N 
10 1 "O3'" A DG 2  ? ? P     A DC 3  ? ? OP1   A DC 3  ? ? 117.47 110.50 6.97   1.10 Y 
11 1 "O4'" A DC 3  ? ? "C4'" A DC 3  ? ? "C3'" A DC 3  ? ? 100.22 104.50 -4.28  0.40 N 
12 1 "O4'" A DC 3  ? ? "C1'" A DC 3  ? ? N1    A DC 3  ? ? 118.37 108.30 10.07  0.30 N 
13 1 N3    A DC 3  ? ? C4    A DC 3  ? ? C5    A DC 3  ? ? 119.08 121.90 -2.82  0.40 N 
14 1 N1    A DC 3  ? ? C2    A DC 3  ? ? O2    A DC 3  ? ? 125.31 118.90 6.41   0.60 N 
15 1 N3    A DC 3  ? ? C2    A DC 3  ? ? O2    A DC 3  ? ? 116.44 121.90 -5.46  0.70 N 
16 1 OP1   A DA 5  ? ? P     A DA 5  ? ? OP2   A DA 5  ? ? 110.05 119.60 -9.55  1.50 N 
17 1 "O5'" A DA 6  ? ? P     A DA 6  ? ? OP2   A DA 6  ? ? 118.45 110.70 7.75   1.20 N 
18 1 "O4'" A DA 6  ? ? "C1'" A DA 6  ? ? N9    A DA 6  ? ? 111.09 108.30 2.79   0.30 N 
19 1 N1    A DA 6  ? ? C2    A DA 6  ? ? N3    A DA 6  ? ? 125.53 129.30 -3.77  0.50 N 
20 1 "C3'" A DA 6  ? ? "O3'" A DA 6  ? ? P     A DT 7  ? ? 109.09 119.70 -10.61 1.20 Y 
21 1 C2    A DT 7  ? ? N3    A DT 7  ? ? C4    A DT 7  ? ? 123.36 127.20 -3.84  0.60 N 
22 1 "C3'" A DT 7  ? ? "O3'" A DT 7  ? ? P     A DT 8  ? ? 129.01 119.70 9.31   1.20 Y 
23 1 OP1   A DT 8  ? ? P     A DT 8  ? ? OP2   A DT 8  ? ? 109.07 119.60 -10.53 1.50 N 
24 1 "O4'" A DT 8  ? ? "C4'" A DT 8  ? ? "C3'" A DT 8  ? ? 100.50 104.50 -4.00  0.40 N 
25 1 "O4'" A DT 8  ? ? "C1'" A DT 8  ? ? N1    A DT 8  ? ? 111.04 108.30 2.74   0.30 N 
26 1 N3    A DT 8  ? ? C4    A DT 8  ? ? O4    A DT 8  ? ? 115.89 119.90 -4.01  0.60 N 
27 1 "O5'" A DC 9  ? ? P     A DC 9  ? ? OP2   A DC 9  ? ? 119.12 110.70 8.42   1.20 N 
28 1 P     A DC 9  ? ? "O5'" A DC 9  ? ? "C5'" A DC 9  ? ? 110.16 120.90 -10.74 1.60 N 
29 1 "C4'" A DC 9  ? ? "C3'" A DC 9  ? ? "C2'" A DC 9  ? ? 96.65  102.20 -5.55  0.70 N 
30 1 "O4'" A DC 9  ? ? "C1'" A DC 9  ? ? N1    A DC 9  ? ? 114.83 108.30 6.53   0.30 N 
31 1 C2    A DC 9  ? ? N3    A DC 9  ? ? C4    A DC 9  ? ? 123.08 119.90 3.18   0.50 N 
32 1 N3    A DC 9  ? ? C4    A DC 9  ? ? C5    A DC 9  ? ? 118.31 121.90 -3.59  0.40 N 
33 1 "O4'" A DG 10 ? ? "C1'" A DG 10 ? ? N9    A DG 10 ? ? 112.95 108.30 4.65   0.30 N 
34 1 C5    A DG 10 ? ? C6    A DG 10 ? ? N1    A DG 10 ? ? 114.82 111.50 3.32   0.50 N 
35 1 "O3'" A DG 10 ? ? P     A DC 11 ? ? OP1   A DC 11 ? ? 119.80 110.50 9.30   1.10 Y 
36 1 OP1   A DC 11 ? ? P     A DC 11 ? ? OP2   A DC 11 ? ? 108.88 119.60 -10.72 1.50 N 
37 1 "O5'" A DC 11 ? ? "C5'" A DC 11 ? ? "C4'" A DC 11 ? ? 99.08  109.40 -10.32 0.80 N 
38 1 "O5'" A DG 12 ? ? P     A DG 12 ? ? OP2   A DG 12 ? ? 121.21 110.70 10.51  1.20 N 
39 1 P     A DG 12 ? ? "O5'" A DG 12 ? ? "C5'" A DG 12 ? ? 132.87 120.90 11.97  1.60 N 
40 1 "O4'" A DG 12 ? ? "C4'" A DG 12 ? ? "C3'" A DG 12 ? ? 101.81 104.50 -2.69  0.40 N 
41 1 C6    A DG 12 ? ? N1    A DG 12 ? ? C2    A DG 12 ? ? 121.01 125.10 -4.09  0.60 N 
42 1 C5    A DG 12 ? ? C6    A DG 12 ? ? N1    A DG 12 ? ? 115.10 111.50 3.60   0.50 N 
43 1 C5    A DG 12 ? ? C6    A DG 12 ? ? O6    A DG 12 ? ? 123.93 128.60 -4.67  0.60 N 
44 1 "O4'" B DC 13 ? ? "C1'" B DC 13 ? ? N1    B DC 13 ? ? 111.97 108.30 3.67   0.30 N 
45 1 C2    B DC 13 ? ? N3    B DC 13 ? ? C4    B DC 13 ? ? 122.99 119.90 3.09   0.50 N 
46 1 N3    B DC 13 ? ? C4    B DC 13 ? ? C5    B DC 13 ? ? 118.82 121.90 -3.08  0.40 N 
47 1 C5    B DC 13 ? ? C4    B DC 13 ? ? N4    B DC 13 ? ? 125.01 120.20 4.81   0.70 N 
48 1 "C3'" B DC 13 ? ? "O3'" B DC 13 ? ? P     B DG 14 ? ? 141.18 119.70 21.48  1.20 Y 
49 1 OP1   B DG 14 ? ? P     B DG 14 ? ? OP2   B DG 14 ? ? 105.51 119.60 -14.09 1.50 N 
50 1 "O4'" B DG 14 ? ? "C4'" B DG 14 ? ? "C3'" B DG 14 ? ? 101.98 104.50 -2.52  0.40 N 
51 1 "O4'" B DG 14 ? ? "C1'" B DG 14 ? ? N9    B DG 14 ? ? 118.08 108.30 9.78   0.30 N 
52 1 "O5'" B DC 15 ? ? P     B DC 15 ? ? OP2   B DC 15 ? ? 118.09 110.70 7.39   1.20 N 
53 1 "O4'" B DC 15 ? ? "C1'" B DC 15 ? ? N1    B DC 15 ? ? 113.05 108.30 4.75   0.30 N 
54 1 OP1   B DA 17 ? ? P     B DA 17 ? ? OP2   B DA 17 ? ? 109.97 119.60 -9.63  1.50 N 
55 1 "O5'" B DA 17 ? ? P     B DA 17 ? ? OP1   B DA 17 ? ? 122.11 110.70 11.41  1.20 N 
56 1 "O5'" B DA 17 ? ? "C5'" B DA 17 ? ? "C4'" B DA 17 ? ? 104.24 109.40 -5.16  0.80 N 
57 1 C5    B DA 17 ? ? C6    B DA 17 ? ? N1    B DA 17 ? ? 114.35 117.70 -3.35  0.50 N 
58 1 "O4'" B DT 19 ? ? "C4'" B DT 19 ? ? "C3'" B DT 19 ? ? 98.78  104.50 -5.72  0.40 N 
59 1 "C5'" B DT 19 ? ? "C4'" B DT 19 ? ? "C3'" B DT 19 ? ? 123.40 115.70 7.70   1.20 N 
60 1 "C1'" B DT 19 ? ? "O4'" B DT 19 ? ? "C4'" B DT 19 ? ? 103.48 110.10 -6.62  1.00 N 
61 1 "C4'" B DT 19 ? ? "C3'" B DT 19 ? ? "C2'" B DT 19 ? ? 96.29  102.20 -5.91  0.70 N 
62 1 "O4'" B DT 19 ? ? "C1'" B DT 19 ? ? N1    B DT 19 ? ? 115.86 108.30 7.56   0.30 N 
63 1 N1    B DT 19 ? ? C2    B DT 19 ? ? N3    B DT 19 ? ? 118.63 114.60 4.03   0.60 N 
64 1 C2    B DT 19 ? ? N3    B DT 19 ? ? C4    B DT 19 ? ? 121.78 127.20 -5.42  0.60 N 
65 1 N3    B DT 19 ? ? C4    B DT 19 ? ? O4    B DT 19 ? ? 113.73 119.90 -6.17  0.60 N 
66 1 C6    B DT 19 ? ? N1    B DT 19 ? ? "C1'" B DT 19 ? ? 130.70 120.40 10.30  1.50 N 
67 1 "C3'" B DT 19 ? ? "O3'" B DT 19 ? ? P     B DT 20 ? ? 128.70 119.70 9.00   1.20 Y 
68 1 "O3'" B DT 19 ? ? P     B DT 20 ? ? OP1   B DT 20 ? ? 120.32 110.50 9.82   1.10 Y 
69 1 OP1   B DT 20 ? ? P     B DT 20 ? ? OP2   B DT 20 ? ? 105.73 119.60 -13.87 1.50 N 
70 1 "O5'" B DT 20 ? ? "C5'" B DT 20 ? ? "C4'" B DT 20 ? ? 101.44 109.40 -7.96  0.80 N 
71 1 "O4'" B DT 20 ? ? "C1'" B DT 20 ? ? N1    B DT 20 ? ? 115.13 108.30 6.83   0.30 N 
72 1 C2    B DT 20 ? ? N3    B DT 20 ? ? C4    B DT 20 ? ? 123.08 127.20 -4.12  0.60 N 
73 1 OP1   B DC 21 ? ? P     B DC 21 ? ? OP2   B DC 21 ? ? 108.59 119.60 -11.01 1.50 N 
74 1 N3    B DC 21 ? ? C4    B DC 21 ? ? C5    B DC 21 ? ? 118.43 121.90 -3.47  0.40 N 
75 1 "O4'" B DG 22 ? ? "C4'" B DG 22 ? ? "C3'" B DG 22 ? ? 101.34 104.50 -3.16  0.40 N 
76 1 "C4'" B DG 22 ? ? "C3'" B DG 22 ? ? "C2'" B DG 22 ? ? 96.26  102.20 -5.94  0.70 N 
77 1 C6    B DG 22 ? ? N1    B DG 22 ? ? C2    B DG 22 ? ? 120.27 125.10 -4.83  0.60 N 
78 1 C5    B DG 22 ? ? C6    B DG 22 ? ? N1    B DG 22 ? ? 115.96 111.50 4.46   0.50 N 
79 1 N1    B DG 22 ? ? C6    B DG 22 ? ? O6    B DG 22 ? ? 114.12 119.90 -5.78  0.60 N 
80 1 "C3'" B DG 22 ? ? "O3'" B DG 22 ? ? P     B DC 23 ? ? 129.99 119.70 10.29  1.20 Y 
81 1 "O4'" B DC 23 ? ? "C1'" B DC 23 ? ? N1    B DC 23 ? ? 114.93 108.30 6.63   0.30 N 
82 1 N3    B DC 23 ? ? C4    B DC 23 ? ? N4    B DC 23 ? ? 113.04 118.00 -4.96  0.70 N 
83 1 C5    B DC 23 ? ? C4    B DC 23 ? ? N4    B DC 23 ? ? 125.40 120.20 5.20   0.70 N 
84 1 OP1   B DG 24 ? ? P     B DG 24 ? ? OP2   B DG 24 ? ? 110.19 119.60 -9.41  1.50 N 
85 1 "O4'" B DG 24 ? ? "C4'" B DG 24 ? ? "C3'" B DG 24 ? ? 101.60 104.50 -2.90  0.40 N 
86 1 "C3'" B DG 24 ? ? "C2'" B DG 24 ? ? "C1'" B DG 24 ? ? 96.98  102.40 -5.42  0.80 N 
87 1 N1    B DG 24 ? ? C6    B DG 24 ? ? O6    B DG 24 ? ? 123.86 119.90 3.96   0.60 N 
88 1 C5    B DG 24 ? ? C6    B DG 24 ? ? O6    B DG 24 ? ? 122.81 128.60 -5.79  0.60 N 
# 
loop_
_pdbx_struct_mod_residue.id 
_pdbx_struct_mod_residue.label_asym_id 
_pdbx_struct_mod_residue.label_comp_id 
_pdbx_struct_mod_residue.label_seq_id 
_pdbx_struct_mod_residue.auth_asym_id 
_pdbx_struct_mod_residue.auth_comp_id 
_pdbx_struct_mod_residue.auth_seq_id 
_pdbx_struct_mod_residue.PDB_ins_code 
_pdbx_struct_mod_residue.parent_comp_id 
_pdbx_struct_mod_residue.details 
1 A G36 4 A G36 4  ? DG ? 
2 B G36 4 B G36 16 ? DG ? 
# 
_struct_site_keywords.site_id   1 
_struct_site_keywords.text      'MINOR GROOVE BINDER' 
# 
loop_
_refine_B_iso.class 
_refine_B_iso.details 
_refine_B_iso.treatment 
_refine_B_iso.pdbx_refine_id 
'ALL ATOMS'  TR isotropic 'X-RAY DIFFRACTION' 
'ALL WATERS' TR isotropic 'X-RAY DIFFRACTION' 
# 
loop_
_refine_occupancy.class 
_refine_occupancy.treatment 
_refine_occupancy.pdbx_refine_id 
'ALL ATOMS'  fix 'X-RAY DIFFRACTION' 
'ALL WATERS' fix 'X-RAY DIFFRACTION' 
# 
loop_
_chem_comp_atom.comp_id 
_chem_comp_atom.atom_id 
_chem_comp_atom.type_symbol 
_chem_comp_atom.pdbx_aromatic_flag 
_chem_comp_atom.pdbx_stereo_config 
_chem_comp_atom.pdbx_ordinal 
DA  OP3    O N N 1   
DA  P      P N N 2   
DA  OP1    O N N 3   
DA  OP2    O N N 4   
DA  "O5'"  O N N 5   
DA  "C5'"  C N N 6   
DA  "C4'"  C N R 7   
DA  "O4'"  O N N 8   
DA  "C3'"  C N S 9   
DA  "O3'"  O N N 10  
DA  "C2'"  C N N 11  
DA  "C1'"  C N R 12  
DA  N9     N Y N 13  
DA  C8     C Y N 14  
DA  N7     N Y N 15  
DA  C5     C Y N 16  
DA  C6     C Y N 17  
DA  N6     N N N 18  
DA  N1     N Y N 19  
DA  C2     C Y N 20  
DA  N3     N Y N 21  
DA  C4     C Y N 22  
DA  HOP3   H N N 23  
DA  HOP2   H N N 24  
DA  "H5'"  H N N 25  
DA  "H5''" H N N 26  
DA  "H4'"  H N N 27  
DA  "H3'"  H N N 28  
DA  "HO3'" H N N 29  
DA  "H2'"  H N N 30  
DA  "H2''" H N N 31  
DA  "H1'"  H N N 32  
DA  H8     H N N 33  
DA  H61    H N N 34  
DA  H62    H N N 35  
DA  H2     H N N 36  
DC  OP3    O N N 37  
DC  P      P N N 38  
DC  OP1    O N N 39  
DC  OP2    O N N 40  
DC  "O5'"  O N N 41  
DC  "C5'"  C N N 42  
DC  "C4'"  C N R 43  
DC  "O4'"  O N N 44  
DC  "C3'"  C N S 45  
DC  "O3'"  O N N 46  
DC  "C2'"  C N N 47  
DC  "C1'"  C N R 48  
DC  N1     N N N 49  
DC  C2     C N N 50  
DC  O2     O N N 51  
DC  N3     N N N 52  
DC  C4     C N N 53  
DC  N4     N N N 54  
DC  C5     C N N 55  
DC  C6     C N N 56  
DC  HOP3   H N N 57  
DC  HOP2   H N N 58  
DC  "H5'"  H N N 59  
DC  "H5''" H N N 60  
DC  "H4'"  H N N 61  
DC  "H3'"  H N N 62  
DC  "HO3'" H N N 63  
DC  "H2'"  H N N 64  
DC  "H2''" H N N 65  
DC  "H1'"  H N N 66  
DC  H41    H N N 67  
DC  H42    H N N 68  
DC  H5     H N N 69  
DC  H6     H N N 70  
DG  OP3    O N N 71  
DG  P      P N N 72  
DG  OP1    O N N 73  
DG  OP2    O N N 74  
DG  "O5'"  O N N 75  
DG  "C5'"  C N N 76  
DG  "C4'"  C N R 77  
DG  "O4'"  O N N 78  
DG  "C3'"  C N S 79  
DG  "O3'"  O N N 80  
DG  "C2'"  C N N 81  
DG  "C1'"  C N R 82  
DG  N9     N Y N 83  
DG  C8     C Y N 84  
DG  N7     N Y N 85  
DG  C5     C Y N 86  
DG  C6     C N N 87  
DG  O6     O N N 88  
DG  N1     N N N 89  
DG  C2     C N N 90  
DG  N2     N N N 91  
DG  N3     N N N 92  
DG  C4     C Y N 93  
DG  HOP3   H N N 94  
DG  HOP2   H N N 95  
DG  "H5'"  H N N 96  
DG  "H5''" H N N 97  
DG  "H4'"  H N N 98  
DG  "H3'"  H N N 99  
DG  "HO3'" H N N 100 
DG  "H2'"  H N N 101 
DG  "H2''" H N N 102 
DG  "H1'"  H N N 103 
DG  H8     H N N 104 
DG  H1     H N N 105 
DG  H21    H N N 106 
DG  H22    H N N 107 
DT  OP3    O N N 108 
DT  P      P N N 109 
DT  OP1    O N N 110 
DT  OP2    O N N 111 
DT  "O5'"  O N N 112 
DT  "C5'"  C N N 113 
DT  "C4'"  C N R 114 
DT  "O4'"  O N N 115 
DT  "C3'"  C N S 116 
DT  "O3'"  O N N 117 
DT  "C2'"  C N N 118 
DT  "C1'"  C N R 119 
DT  N1     N N N 120 
DT  C2     C N N 121 
DT  O2     O N N 122 
DT  N3     N N N 123 
DT  C4     C N N 124 
DT  O4     O N N 125 
DT  C5     C N N 126 
DT  C7     C N N 127 
DT  C6     C N N 128 
DT  HOP3   H N N 129 
DT  HOP2   H N N 130 
DT  "H5'"  H N N 131 
DT  "H5''" H N N 132 
DT  "H4'"  H N N 133 
DT  "H3'"  H N N 134 
DT  "HO3'" H N N 135 
DT  "H2'"  H N N 136 
DT  "H2''" H N N 137 
DT  "H1'"  H N N 138 
DT  H3     H N N 139 
DT  H71    H N N 140 
DT  H72    H N N 141 
DT  H73    H N N 142 
DT  H6     H N N 143 
G36 P      P N N 144 
G36 O1P    O N N 145 
G36 O2P    O N N 146 
G36 O3P    O N N 147 
G36 "O5'"  O N N 148 
G36 "C5'"  C N N 149 
G36 "C4'"  C N R 150 
G36 "O4'"  O N N 151 
G36 "C3'"  C N S 152 
G36 "O3'"  O N N 153 
G36 "C2'"  C N N 154 
G36 CM2    C N N 155 
G36 "C1'"  C N R 156 
G36 N9     N Y N 157 
G36 C8     C Y N 158 
G36 N7     N Y N 159 
G36 C5     C Y N 160 
G36 C6     C Y N 161 
G36 O6     O N N 162 
G36 N1     N Y N 163 
G36 C2     C Y N 164 
G36 N2     N N N 165 
G36 C1M    C N N 166 
G36 N3     N Y N 167 
G36 C4     C Y N 168 
G36 H2P    H N N 169 
G36 H3P    H N N 170 
G36 "H5'1" H N N 171 
G36 "H5'2" H N N 172 
G36 "H4'"  H N N 173 
G36 "H3'"  H N N 174 
G36 HA     H N N 175 
G36 "H2'1" H N N 176 
G36 "H2'2" H N N 177 
G36 HM21   H N N 178 
G36 HM22   H N N 179 
G36 HM23   H N N 180 
G36 "H1'"  H N N 181 
G36 H8     H N N 182 
G36 H2N1   H N N 183 
G36 H2N2   H N N 184 
G36 H1M1   H N N 185 
G36 H1M2   H N N 186 
HOH O      O N N 187 
HOH H1     H N N 188 
HOH H2     H N N 189 
HT  O1     O N N 190 
HT  C1     C Y N 191 
HT  C4     C Y N 192 
HT  C2     C Y N 193 
HT  C3     C Y N 194 
HT  C6     C Y N 195 
HT  C5     C Y N 196 
HT  C7     C Y N 197 
HT  N1     N Y N 198 
HT  C8     C Y N 199 
HT  C9     C Y N 200 
HT  N2     N Y N 201 
HT  C10    C Y N 202 
HT  C11    C Y N 203 
HT  C12    C Y N 204 
HT  C13    C Y N 205 
HT  C14    C Y N 206 
HT  N3     N Y N 207 
HT  C15    C Y N 208 
HT  C16    C Y N 209 
HT  N4     N Y N 210 
HT  C17    C Y N 211 
HT  C18    C Y N 212 
HT  C19    C Y N 213 
HT  C20    C Y N 214 
HT  N5     N N N 215 
HT  C21    C N N 216 
HT  C22    C N N 217 
HT  N6     N N N 218 
HT  C23    C N N 219 
HT  C24    C N N 220 
HT  C25    C N N 221 
HT  HO1    H N N 222 
HT  H2     H N N 223 
HT  H3     H N N 224 
HT  H5     H N N 225 
HT  H6     H N N 226 
HT  HN1    H N N 227 
HT  H10    H N N 228 
HT  H11    H N N 229 
HT  H13    H N N 230 
HT  HN3    H N N 231 
HT  H17    H N N 232 
HT  H18    H N N 233 
HT  H20    H N N 234 
HT  H211   H N N 235 
HT  H212   H N N 236 
HT  H221   H N N 237 
HT  H222   H N N 238 
HT  H231   H N N 239 
HT  H232   H N N 240 
HT  H241   H N N 241 
HT  H242   H N N 242 
HT  H253   H N N 243 
HT  H252   H N N 244 
HT  H251   H N N 245 
# 
loop_
_chem_comp_bond.comp_id 
_chem_comp_bond.atom_id_1 
_chem_comp_bond.atom_id_2 
_chem_comp_bond.value_order 
_chem_comp_bond.pdbx_aromatic_flag 
_chem_comp_bond.pdbx_stereo_config 
_chem_comp_bond.pdbx_ordinal 
DA  OP3   P      sing N N 1   
DA  OP3   HOP3   sing N N 2   
DA  P     OP1    doub N N 3   
DA  P     OP2    sing N N 4   
DA  P     "O5'"  sing N N 5   
DA  OP2   HOP2   sing N N 6   
DA  "O5'" "C5'"  sing N N 7   
DA  "C5'" "C4'"  sing N N 8   
DA  "C5'" "H5'"  sing N N 9   
DA  "C5'" "H5''" sing N N 10  
DA  "C4'" "O4'"  sing N N 11  
DA  "C4'" "C3'"  sing N N 12  
DA  "C4'" "H4'"  sing N N 13  
DA  "O4'" "C1'"  sing N N 14  
DA  "C3'" "O3'"  sing N N 15  
DA  "C3'" "C2'"  sing N N 16  
DA  "C3'" "H3'"  sing N N 17  
DA  "O3'" "HO3'" sing N N 18  
DA  "C2'" "C1'"  sing N N 19  
DA  "C2'" "H2'"  sing N N 20  
DA  "C2'" "H2''" sing N N 21  
DA  "C1'" N9     sing N N 22  
DA  "C1'" "H1'"  sing N N 23  
DA  N9    C8     sing Y N 24  
DA  N9    C4     sing Y N 25  
DA  C8    N7     doub Y N 26  
DA  C8    H8     sing N N 27  
DA  N7    C5     sing Y N 28  
DA  C5    C6     sing Y N 29  
DA  C5    C4     doub Y N 30  
DA  C6    N6     sing N N 31  
DA  C6    N1     doub Y N 32  
DA  N6    H61    sing N N 33  
DA  N6    H62    sing N N 34  
DA  N1    C2     sing Y N 35  
DA  C2    N3     doub Y N 36  
DA  C2    H2     sing N N 37  
DA  N3    C4     sing Y N 38  
DC  OP3   P      sing N N 39  
DC  OP3   HOP3   sing N N 40  
DC  P     OP1    doub N N 41  
DC  P     OP2    sing N N 42  
DC  P     "O5'"  sing N N 43  
DC  OP2   HOP2   sing N N 44  
DC  "O5'" "C5'"  sing N N 45  
DC  "C5'" "C4'"  sing N N 46  
DC  "C5'" "H5'"  sing N N 47  
DC  "C5'" "H5''" sing N N 48  
DC  "C4'" "O4'"  sing N N 49  
DC  "C4'" "C3'"  sing N N 50  
DC  "C4'" "H4'"  sing N N 51  
DC  "O4'" "C1'"  sing N N 52  
DC  "C3'" "O3'"  sing N N 53  
DC  "C3'" "C2'"  sing N N 54  
DC  "C3'" "H3'"  sing N N 55  
DC  "O3'" "HO3'" sing N N 56  
DC  "C2'" "C1'"  sing N N 57  
DC  "C2'" "H2'"  sing N N 58  
DC  "C2'" "H2''" sing N N 59  
DC  "C1'" N1     sing N N 60  
DC  "C1'" "H1'"  sing N N 61  
DC  N1    C2     sing N N 62  
DC  N1    C6     sing N N 63  
DC  C2    O2     doub N N 64  
DC  C2    N3     sing N N 65  
DC  N3    C4     doub N N 66  
DC  C4    N4     sing N N 67  
DC  C4    C5     sing N N 68  
DC  N4    H41    sing N N 69  
DC  N4    H42    sing N N 70  
DC  C5    C6     doub N N 71  
DC  C5    H5     sing N N 72  
DC  C6    H6     sing N N 73  
DG  OP3   P      sing N N 74  
DG  OP3   HOP3   sing N N 75  
DG  P     OP1    doub N N 76  
DG  P     OP2    sing N N 77  
DG  P     "O5'"  sing N N 78  
DG  OP2   HOP2   sing N N 79  
DG  "O5'" "C5'"  sing N N 80  
DG  "C5'" "C4'"  sing N N 81  
DG  "C5'" "H5'"  sing N N 82  
DG  "C5'" "H5''" sing N N 83  
DG  "C4'" "O4'"  sing N N 84  
DG  "C4'" "C3'"  sing N N 85  
DG  "C4'" "H4'"  sing N N 86  
DG  "O4'" "C1'"  sing N N 87  
DG  "C3'" "O3'"  sing N N 88  
DG  "C3'" "C2'"  sing N N 89  
DG  "C3'" "H3'"  sing N N 90  
DG  "O3'" "HO3'" sing N N 91  
DG  "C2'" "C1'"  sing N N 92  
DG  "C2'" "H2'"  sing N N 93  
DG  "C2'" "H2''" sing N N 94  
DG  "C1'" N9     sing N N 95  
DG  "C1'" "H1'"  sing N N 96  
DG  N9    C8     sing Y N 97  
DG  N9    C4     sing Y N 98  
DG  C8    N7     doub Y N 99  
DG  C8    H8     sing N N 100 
DG  N7    C5     sing Y N 101 
DG  C5    C6     sing N N 102 
DG  C5    C4     doub Y N 103 
DG  C6    O6     doub N N 104 
DG  C6    N1     sing N N 105 
DG  N1    C2     sing N N 106 
DG  N1    H1     sing N N 107 
DG  C2    N2     sing N N 108 
DG  C2    N3     doub N N 109 
DG  N2    H21    sing N N 110 
DG  N2    H22    sing N N 111 
DG  N3    C4     sing N N 112 
DT  OP3   P      sing N N 113 
DT  OP3   HOP3   sing N N 114 
DT  P     OP1    doub N N 115 
DT  P     OP2    sing N N 116 
DT  P     "O5'"  sing N N 117 
DT  OP2   HOP2   sing N N 118 
DT  "O5'" "C5'"  sing N N 119 
DT  "C5'" "C4'"  sing N N 120 
DT  "C5'" "H5'"  sing N N 121 
DT  "C5'" "H5''" sing N N 122 
DT  "C4'" "O4'"  sing N N 123 
DT  "C4'" "C3'"  sing N N 124 
DT  "C4'" "H4'"  sing N N 125 
DT  "O4'" "C1'"  sing N N 126 
DT  "C3'" "O3'"  sing N N 127 
DT  "C3'" "C2'"  sing N N 128 
DT  "C3'" "H3'"  sing N N 129 
DT  "O3'" "HO3'" sing N N 130 
DT  "C2'" "C1'"  sing N N 131 
DT  "C2'" "H2'"  sing N N 132 
DT  "C2'" "H2''" sing N N 133 
DT  "C1'" N1     sing N N 134 
DT  "C1'" "H1'"  sing N N 135 
DT  N1    C2     sing N N 136 
DT  N1    C6     sing N N 137 
DT  C2    O2     doub N N 138 
DT  C2    N3     sing N N 139 
DT  N3    C4     sing N N 140 
DT  N3    H3     sing N N 141 
DT  C4    O4     doub N N 142 
DT  C4    C5     sing N N 143 
DT  C5    C7     sing N N 144 
DT  C5    C6     doub N N 145 
DT  C7    H71    sing N N 146 
DT  C7    H72    sing N N 147 
DT  C7    H73    sing N N 148 
DT  C6    H6     sing N N 149 
G36 P     O1P    doub N N 150 
G36 P     O2P    sing N N 151 
G36 P     O3P    sing N N 152 
G36 P     "O5'"  sing N N 153 
G36 O2P   H2P    sing N N 154 
G36 O3P   H3P    sing N N 155 
G36 "O5'" "C5'"  sing N N 156 
G36 "C5'" "C4'"  sing N N 157 
G36 "C5'" "H5'1" sing N N 158 
G36 "C5'" "H5'2" sing N N 159 
G36 "C4'" "O4'"  sing N N 160 
G36 "C4'" "C3'"  sing N N 161 
G36 "C4'" "H4'"  sing N N 162 
G36 "O4'" "C1'"  sing N N 163 
G36 "C3'" "O3'"  sing N N 164 
G36 "C3'" "C2'"  sing N N 165 
G36 "C3'" "H3'"  sing N N 166 
G36 "O3'" HA     sing N N 167 
G36 "C2'" "C1'"  sing N N 168 
G36 "C2'" "H2'1" sing N N 169 
G36 "C2'" "H2'2" sing N N 170 
G36 CM2   C1M    sing N N 171 
G36 CM2   HM21   sing N N 172 
G36 CM2   HM22   sing N N 173 
G36 CM2   HM23   sing N N 174 
G36 "C1'" N9     sing N N 175 
G36 "C1'" "H1'"  sing N N 176 
G36 N9    C8     sing Y N 177 
G36 N9    C4     sing Y N 178 
G36 C8    N7     doub Y N 179 
G36 C8    H8     sing N N 180 
G36 N7    C5     sing Y N 181 
G36 C5    C6     doub Y N 182 
G36 C5    C4     sing Y N 183 
G36 C6    O6     sing N N 184 
G36 C6    N1     sing Y N 185 
G36 O6    C1M    sing N N 186 
G36 N1    C2     doub Y N 187 
G36 C2    N2     sing N N 188 
G36 C2    N3     sing Y N 189 
G36 N2    H2N1   sing N N 190 
G36 N2    H2N2   sing N N 191 
G36 C1M   H1M1   sing N N 192 
G36 C1M   H1M2   sing N N 193 
G36 N3    C4     doub Y N 194 
HOH O     H1     sing N N 195 
HOH O     H2     sing N N 196 
HT  O1    C1     sing N N 197 
HT  O1    HO1    sing N N 198 
HT  C1    C2     doub Y N 199 
HT  C1    C6     sing Y N 200 
HT  C2    C3     sing Y N 201 
HT  C2    H2     sing N N 202 
HT  C3    C4     doub Y N 203 
HT  C3    H3     sing N N 204 
HT  C4    C5     sing Y N 205 
HT  C4    C7     sing Y N 206 
HT  C5    C6     doub Y N 207 
HT  C5    H5     sing N N 208 
HT  C6    H6     sing N N 209 
HT  C7    N1     sing Y N 210 
HT  C7    N2     doub Y N 211 
HT  N1    C8     sing Y N 212 
HT  N1    HN1    sing N N 213 
HT  C8    C9     doub Y N 214 
HT  C8    C13    sing Y N 215 
HT  C9    N2     sing Y N 216 
HT  C9    C10    sing Y N 217 
HT  C10   C11    doub Y N 218 
HT  C10   H10    sing N N 219 
HT  C11   C12    sing Y N 220 
HT  C11   H11    sing N N 221 
HT  C12   C13    doub Y N 222 
HT  C12   C14    sing Y N 223 
HT  C13   H13    sing N N 224 
HT  C14   N3     sing Y N 225 
HT  C14   N4     doub Y N 226 
HT  N3    C15    sing Y N 227 
HT  N3    HN3    sing N N 228 
HT  C15   C16    doub Y N 229 
HT  C15   C20    sing Y N 230 
HT  C16   N4     sing Y N 231 
HT  C16   C17    sing Y N 232 
HT  C17   C18    doub Y N 233 
HT  C17   H17    sing N N 234 
HT  C18   C19    sing Y N 235 
HT  C18   H18    sing N N 236 
HT  C19   C20    doub Y N 237 
HT  C19   N5     sing N N 238 
HT  C20   H20    sing N N 239 
HT  N5    C21    sing N N 240 
HT  N5    C24    sing N N 241 
HT  C21   C22    sing N N 242 
HT  C21   H211   sing N N 243 
HT  C21   H212   sing N N 244 
HT  C22   N6     sing N N 245 
HT  C22   H221   sing N N 246 
HT  C22   H222   sing N N 247 
HT  N6    C23    sing N N 248 
HT  N6    C25    sing N N 249 
HT  C23   C24    sing N N 250 
HT  C23   H231   sing N N 251 
HT  C23   H232   sing N N 252 
HT  C24   H241   sing N N 253 
HT  C24   H242   sing N N 254 
HT  C25   H253   sing N N 255 
HT  C25   H252   sing N N 256 
HT  C25   H251   sing N N 257 
# 
loop_
_ndb_struct_conf_na.entry_id 
_ndb_struct_conf_na.feature 
128D 'double helix'        
128D 'b-form double helix' 
# 
loop_
_ndb_struct_na_base_pair.model_number 
_ndb_struct_na_base_pair.i_label_asym_id 
_ndb_struct_na_base_pair.i_label_comp_id 
_ndb_struct_na_base_pair.i_label_seq_id 
_ndb_struct_na_base_pair.i_symmetry 
_ndb_struct_na_base_pair.j_label_asym_id 
_ndb_struct_na_base_pair.j_label_comp_id 
_ndb_struct_na_base_pair.j_label_seq_id 
_ndb_struct_na_base_pair.j_symmetry 
_ndb_struct_na_base_pair.shear 
_ndb_struct_na_base_pair.stretch 
_ndb_struct_na_base_pair.stagger 
_ndb_struct_na_base_pair.buckle 
_ndb_struct_na_base_pair.propeller 
_ndb_struct_na_base_pair.opening 
_ndb_struct_na_base_pair.pair_number 
_ndb_struct_na_base_pair.pair_name 
_ndb_struct_na_base_pair.i_auth_asym_id 
_ndb_struct_na_base_pair.i_auth_seq_id 
_ndb_struct_na_base_pair.i_PDB_ins_code 
_ndb_struct_na_base_pair.j_auth_asym_id 
_ndb_struct_na_base_pair.j_auth_seq_id 
_ndb_struct_na_base_pair.j_PDB_ins_code 
_ndb_struct_na_base_pair.hbond_type_28 
_ndb_struct_na_base_pair.hbond_type_12 
1 A DC  1  1_555 B DG  12 1_555 -0.008 -0.190 0.229  6.673  -7.587  -5.631 1  A_DC1:DG24_B  A 1  ? B 24 ? 19 1 
1 A DG  2  1_555 B DC  11 1_555 -0.090 0.126  0.562  17.743 -6.821  0.382  2  A_DG2:DC23_B  A 2  ? B 23 ? 19 1 
1 A DC  3  1_555 B DG  10 1_555 -0.272 -0.041 -0.194 2.706  13.780  -1.158 3  A_DC3:DG22_B  A 3  ? B 22 ? 19 1 
1 A G36 4  1_555 B DC  9  1_555 0.831  0.071  0.355  18.947 6.222   5.249  4  A_G364:DC21_B A 4  ? B 21 ? 19 1 
1 A DA  5  1_555 B DT  8  1_555 -0.113 -0.051 0.405  14.349 -11.177 -2.976 5  A_DA5:DT20_B  A 5  ? B 20 ? 20 1 
1 A DA  6  1_555 B DT  7  1_555 0.311  -0.043 0.176  20.645 -17.667 -0.643 6  A_DA6:DT19_B  A 6  ? B 19 ? 20 1 
1 A DT  7  1_555 B DA  6  1_555 -0.285 -0.319 -0.385 -1.696 -2.455  0.199  7  A_DT7:DA18_B  A 7  ? B 18 ? 20 1 
1 A DT  8  1_555 B DA  5  1_555 0.625  -0.320 -0.983 2.589  -5.298  14.833 8  A_DT8:DA17_B  A 8  ? B 17 ? 20 1 
1 A DC  9  1_555 B G36 4  1_555 -2.152 -0.145 0.070  -9.769 -23.410 0.604  9  A_DC9:G3616_B A 9  ? B 16 ? 19 1 
1 A DG  10 1_555 B DC  3  1_555 0.382  -0.142 0.044  5.957  -9.975  -3.879 10 A_DG10:DC15_B A 10 ? B 15 ? 19 1 
1 A DC  11 1_555 B DG  2  1_555 0.198  -0.121 -0.384 7.759  -13.629 1.583  11 A_DC11:DG14_B A 11 ? B 14 ? 19 1 
1 A DG  12 1_555 B DC  1  1_555 -0.172 -0.321 -1.218 -6.111 -3.863  0.422  12 A_DG12:DC13_B A 12 ? B 13 ? 19 1 
# 
loop_
_ndb_struct_na_base_pair_step.model_number 
_ndb_struct_na_base_pair_step.i_label_asym_id_1 
_ndb_struct_na_base_pair_step.i_label_comp_id_1 
_ndb_struct_na_base_pair_step.i_label_seq_id_1 
_ndb_struct_na_base_pair_step.i_symmetry_1 
_ndb_struct_na_base_pair_step.j_label_asym_id_1 
_ndb_struct_na_base_pair_step.j_label_comp_id_1 
_ndb_struct_na_base_pair_step.j_label_seq_id_1 
_ndb_struct_na_base_pair_step.j_symmetry_1 
_ndb_struct_na_base_pair_step.i_label_asym_id_2 
_ndb_struct_na_base_pair_step.i_label_comp_id_2 
_ndb_struct_na_base_pair_step.i_label_seq_id_2 
_ndb_struct_na_base_pair_step.i_symmetry_2 
_ndb_struct_na_base_pair_step.j_label_asym_id_2 
_ndb_struct_na_base_pair_step.j_label_comp_id_2 
_ndb_struct_na_base_pair_step.j_label_seq_id_2 
_ndb_struct_na_base_pair_step.j_symmetry_2 
_ndb_struct_na_base_pair_step.shift 
_ndb_struct_na_base_pair_step.slide 
_ndb_struct_na_base_pair_step.rise 
_ndb_struct_na_base_pair_step.tilt 
_ndb_struct_na_base_pair_step.roll 
_ndb_struct_na_base_pair_step.twist 
_ndb_struct_na_base_pair_step.x_displacement 
_ndb_struct_na_base_pair_step.y_displacement 
_ndb_struct_na_base_pair_step.helical_rise 
_ndb_struct_na_base_pair_step.inclination 
_ndb_struct_na_base_pair_step.tip 
_ndb_struct_na_base_pair_step.helical_twist 
_ndb_struct_na_base_pair_step.step_number 
_ndb_struct_na_base_pair_step.step_name 
_ndb_struct_na_base_pair_step.i_auth_asym_id_1 
_ndb_struct_na_base_pair_step.i_auth_seq_id_1 
_ndb_struct_na_base_pair_step.i_PDB_ins_code_1 
_ndb_struct_na_base_pair_step.j_auth_asym_id_1 
_ndb_struct_na_base_pair_step.j_auth_seq_id_1 
_ndb_struct_na_base_pair_step.j_PDB_ins_code_1 
_ndb_struct_na_base_pair_step.i_auth_asym_id_2 
_ndb_struct_na_base_pair_step.i_auth_seq_id_2 
_ndb_struct_na_base_pair_step.i_PDB_ins_code_2 
_ndb_struct_na_base_pair_step.j_auth_asym_id_2 
_ndb_struct_na_base_pair_step.j_auth_seq_id_2 
_ndb_struct_na_base_pair_step.j_PDB_ins_code_2 
1 A DC  1  1_555 B DG  12 1_555 A DG  2  1_555 B DC  11 1_555 -0.571 0.624  2.965 -1.371  -0.380  36.324 1.049  0.741  2.977 
-0.610  2.198   36.351 1  AA_DC1DG2:DC23DG24_BB   A 1  ? B 24 ? A 2  ? B 23 ? 
1 A DG  2  1_555 B DC  11 1_555 A DC  3  1_555 B DG  10 1_555 1.271  0.228  3.857 6.352   -4.577  38.801 0.986  -0.979 3.957 
-6.805  -9.444  39.553 2  AA_DG2DC3:DG22DC23_BB   A 2  ? B 23 ? A 3  ? B 22 ? 
1 A DC  3  1_555 B DG  10 1_555 A G36 4  1_555 B DC  9  1_555 0.845  0.830  3.307 1.127   -1.176  31.675 1.737  -1.336 3.302 
-2.153  -2.063  31.716 3  AA_DC3G364:DC21DG22_BB  A 3  ? B 22 ? A 4  ? B 21 ? 
1 A G36 4  1_555 B DC  9  1_555 A DA  5  1_555 B DT  8  1_555 -0.957 0.122  3.475 1.381   12.386  38.420 -1.314 1.554  3.322 
18.245  -2.035  40.318 4  AA_G364DA5:DT20DC21_BB  A 4  ? B 21 ? A 5  ? B 20 ? 
1 A DA  5  1_555 B DT  8  1_555 A DA  6  1_555 B DT  7  1_555 0.066  -0.221 2.860 2.870   -16.507 43.156 0.979  0.135  2.763 
-21.500 -3.738  46.149 5  AA_DA5DA6:DT19DT20_BB   A 5  ? B 20 ? A 6  ? B 19 ? 
1 A DA  6  1_555 B DT  7  1_555 A DT  7  1_555 B DA  6  1_555 0.874  -0.961 3.799 3.828   9.025   28.005 -4.041 -0.791 3.418 
17.966  -7.621  29.639 6  AA_DA6DT7:DA18DT19_BB   A 6  ? B 19 ? A 7  ? B 18 ? 
1 A DT  7  1_555 B DA  6  1_555 A DT  8  1_555 B DA  5  1_555 -0.005 0.027  3.298 8.615   4.288   33.142 -0.627 1.361  3.176 7.327 
-14.721 34.473 7  AA_DT7DT8:DA17DA18_BB   A 7  ? B 18 ? A 8  ? B 17 ? 
1 A DT  8  1_555 B DA  5  1_555 A DC  9  1_555 B G36 4  1_555 -0.288 0.513  3.732 -5.056  5.599   29.631 -0.319 -0.621 3.760 
10.731  9.690   30.555 8  AA_DT8DC9:G3616DA17_BB  A 8  ? B 17 ? A 9  ? B 16 ? 
1 A DC  9  1_555 B G36 4  1_555 A DG  10 1_555 B DC  3  1_555 -0.041 1.581  3.164 -11.332 0.183   43.518 2.054  -0.943 3.088 0.242 
14.983  44.900 9  AA_DC9DG10:DC15G3616_BB A 9  ? B 16 ? A 10 ? B 15 ? 
1 A DG  10 1_555 B DC  3  1_555 A DC  11 1_555 B DG  2  1_555 -1.522 0.291  2.939 -1.294  -6.639  37.650 1.195  2.178  2.897 
-10.187 1.986   38.231 10 AA_DG10DC11:DG14DC15_BB A 10 ? B 15 ? A 11 ? B 14 ? 
1 A DC  11 1_555 B DG  2  1_555 A DG  12 1_555 B DC  1  1_555 0.474  0.661  4.053 4.224   4.229   32.097 0.250  0.082  4.131 7.567 
-7.557  32.634 11 AA_DC11DG12:DC13DG14_BB A 11 ? B 14 ? A 12 ? B 13 ? 
# 
_atom_sites.entry_id                    128D 
_atom_sites.fract_transf_matrix[1][1]   -0.02827553 
_atom_sites.fract_transf_matrix[1][2]   -0.01273303 
_atom_sites.fract_transf_matrix[1][3]   -0.02365419 
_atom_sites.fract_transf_matrix[2][1]   0.00494638 
_atom_sites.fract_transf_matrix[2][2]   0.01788767 
_atom_sites.fract_transf_matrix[2][3]   -0.01554167 
_atom_sites.fract_transf_matrix[3][1]   0.00981913 
_atom_sites.fract_transf_matrix[3][2]   -0.00879835 
_atom_sites.fract_transf_matrix[3][3]   -0.00700136 
_atom_sites.fract_transf_vector[1]      0.577625 
_atom_sites.fract_transf_vector[2]      0.520350 
_atom_sites.fract_transf_vector[3]      0.126542 
# 
loop_
_atom_type.symbol 
C 
N 
O 
P 
# 
loop_
_atom_site.group_PDB 
_atom_site.id 
_atom_site.type_symbol 
_atom_site.label_atom_id 
_atom_site.label_alt_id 
_atom_site.label_comp_id 
_atom_site.label_asym_id 
_atom_site.label_entity_id 
_atom_site.label_seq_id 
_atom_site.pdbx_PDB_ins_code 
_atom_site.Cartn_x 
_atom_site.Cartn_y 
_atom_site.Cartn_z 
_atom_site.occupancy 
_atom_site.B_iso_or_equiv 
_atom_site.pdbx_formal_charge 
_atom_site.auth_seq_id 
_atom_site.auth_comp_id 
_atom_site.auth_asym_id 
_atom_site.auth_atom_id 
_atom_site.pdbx_PDB_model_num 
ATOM   1   O "O5'" . DC  A 1 1  ? 11.843  -0.309  -15.634 1.00 6.52  ? 1  DC  A "O5'" 1 
ATOM   2   C "C5'" . DC  A 1 1  ? 10.617  -0.970  -15.208 1.00 6.62  ? 1  DC  A "C5'" 1 
ATOM   3   C "C4'" . DC  A 1 1  ? 9.937   -1.599  -16.400 1.00 6.64  ? 1  DC  A "C4'" 1 
ATOM   4   O "O4'" . DC  A 1 1  ? 10.540  -2.903  -16.616 1.00 6.68  ? 1  DC  A "O4'" 1 
ATOM   5   C "C3'" . DC  A 1 1  ? 8.461   -1.943  -16.296 1.00 6.69  ? 1  DC  A "C3'" 1 
ATOM   6   O "O3'" . DC  A 1 1  ? 7.823   -2.375  -17.491 1.00 6.68  ? 1  DC  A "O3'" 1 
ATOM   7   C "C2'" . DC  A 1 1  ? 8.578   -3.116  -15.272 1.00 6.68  ? 1  DC  A "C2'" 1 
ATOM   8   C "C1'" . DC  A 1 1  ? 9.769   -3.870  -15.825 1.00 6.65  ? 1  DC  A "C1'" 1 
ATOM   9   N N1    . DC  A 1 1  ? 10.622  -4.401  -14.762 1.00 6.59  ? 1  DC  A N1    1 
ATOM   10  C C2    . DC  A 1 1  ? 10.511  -5.726  -14.393 1.00 6.60  ? 1  DC  A C2    1 
ATOM   11  O O2    . DC  A 1 1  ? 9.733   -6.520  -14.930 1.00 6.55  ? 1  DC  A O2    1 
ATOM   12  N N3    . DC  A 1 1  ? 11.354  -6.192  -13.412 1.00 6.57  ? 1  DC  A N3    1 
ATOM   13  C C4    . DC  A 1 1  ? 12.249  -5.359  -12.818 1.00 6.58  ? 1  DC  A C4    1 
ATOM   14  N N4    . DC  A 1 1  ? 13.022  -5.825  -11.847 1.00 6.59  ? 1  DC  A N4    1 
ATOM   15  C C5    . DC  A 1 1  ? 12.331  -4.003  -13.193 1.00 6.61  ? 1  DC  A C5    1 
ATOM   16  C C6    . DC  A 1 1  ? 11.538  -3.593  -14.178 1.00 6.59  ? 1  DC  A C6    1 
ATOM   17  P P     . DG  A 1 2  ? 6.411   -2.003  -17.995 1.00 8.04  ? 2  DG  A P     1 
ATOM   18  O OP1   . DG  A 1 2  ? 6.307   -1.568  -19.445 1.00 7.47  ? 2  DG  A OP1   1 
ATOM   19  O OP2   . DG  A 1 2  ? 5.905   -0.844  -17.118 1.00 7.72  ? 2  DG  A OP2   1 
ATOM   20  O "O5'" . DG  A 1 2  ? 5.438   -3.294  -17.795 1.00 7.41  ? 2  DG  A "O5'" 1 
ATOM   21  C "C5'" . DG  A 1 2  ? 4.848   -3.396  -16.409 1.00 7.32  ? 2  DG  A "C5'" 1 
ATOM   22  C "C4'" . DG  A 1 2  ? 4.025   -4.658  -16.533 1.00 7.29  ? 2  DG  A "C4'" 1 
ATOM   23  O "O4'" . DG  A 1 2  ? 4.771   -5.728  -16.029 1.00 7.25  ? 2  DG  A "O4'" 1 
ATOM   24  C "C3'" . DG  A 1 2  ? 2.752   -4.751  -15.688 1.00 7.30  ? 2  DG  A "C3'" 1 
ATOM   25  O "O3'" . DG  A 1 2  ? 1.950   -5.830  -16.201 1.00 7.37  ? 2  DG  A "O3'" 1 
ATOM   26  C "C2'" . DG  A 1 2  ? 3.352   -4.959  -14.315 1.00 7.27  ? 2  DG  A "C2'" 1 
ATOM   27  C "C1'" . DG  A 1 2  ? 4.577   -5.809  -14.599 1.00 7.23  ? 2  DG  A "C1'" 1 
ATOM   28  N N9    . DG  A 1 2  ? 5.742   -5.363  -13.826 1.00 7.21  ? 2  DG  A N9    1 
ATOM   29  C C8    . DG  A 1 2  ? 6.282   -4.122  -13.757 1.00 7.20  ? 2  DG  A C8    1 
ATOM   30  N N7    . DG  A 1 2  ? 7.333   -4.041  -12.956 1.00 7.17  ? 2  DG  A N7    1 
ATOM   31  C C5    . DG  A 1 2  ? 7.500   -5.315  -12.478 1.00 7.18  ? 2  DG  A C5    1 
ATOM   32  C C6    . DG  A 1 2  ? 8.465   -5.849  -11.595 1.00 7.20  ? 2  DG  A C6    1 
ATOM   33  O O6    . DG  A 1 2  ? 9.362   -5.252  -10.989 1.00 7.25  ? 2  DG  A O6    1 
ATOM   34  N N1    . DG  A 1 2  ? 8.356   -7.211  -11.324 1.00 7.23  ? 2  DG  A N1    1 
ATOM   35  C C2    . DG  A 1 2  ? 7.351   -7.950  -11.917 1.00 7.21  ? 2  DG  A C2    1 
ATOM   36  N N2    . DG  A 1 2  ? 7.374   -9.237  -11.582 1.00 7.17  ? 2  DG  A N2    1 
ATOM   37  N N3    . DG  A 1 2  ? 6.419   -7.494  -12.770 1.00 7.20  ? 2  DG  A N3    1 
ATOM   38  C C4    . DG  A 1 2  ? 6.551   -6.154  -13.011 1.00 7.19  ? 2  DG  A C4    1 
ATOM   39  P P     . DC  A 1 3  ? 0.389   -5.853  -16.190 1.00 7.65  ? 3  DC  A P     1 
ATOM   40  O OP1   . DC  A 1 3  ? -0.292  -6.583  -17.284 1.00 7.63  ? 3  DC  A OP1   1 
ATOM   41  O OP2   . DC  A 1 3  ? -0.019  -4.375  -16.163 1.00 7.02  ? 3  DC  A OP2   1 
ATOM   42  O "O5'" . DC  A 1 3  ? 0.044   -6.585  -14.754 1.00 8.59  ? 3  DC  A "O5'" 1 
ATOM   43  C "C5'" . DC  A 1 3  ? 1.053   -6.606  -13.712 1.00 8.83  ? 3  DC  A "C5'" 1 
ATOM   44  C "C4'" . DC  A 1 3  ? 0.977   -7.747  -12.727 1.00 8.87  ? 3  DC  A "C4'" 1 
ATOM   45  O "O4'" . DC  A 1 3  ? 2.292   -7.986  -12.125 1.00 8.90  ? 3  DC  A "O4'" 1 
ATOM   46  C "C3'" . DC  A 1 3  ? 0.146   -7.588  -11.495 1.00 8.91  ? 3  DC  A "C3'" 1 
ATOM   47  O "O3'" . DC  A 1 3  ? -0.186  -8.794  -10.743 1.00 8.98  ? 3  DC  A "O3'" 1 
ATOM   48  C "C2'" . DC  A 1 3  ? 1.040   -6.730  -10.604 1.00 8.93  ? 3  DC  A "C2'" 1 
ATOM   49  C "C1'" . DC  A 1 3  ? 2.433   -7.377  -10.866 1.00 8.92  ? 3  DC  A "C1'" 1 
ATOM   50  N N1    . DC  A 1 3  ? 3.409   -6.276  -10.723 1.00 8.96  ? 3  DC  A N1    1 
ATOM   51  C C2    . DC  A 1 3  ? 4.451   -6.413  -9.833  1.00 9.01  ? 3  DC  A C2    1 
ATOM   52  O O2    . DC  A 1 3  ? 4.706   -7.428  -9.185  1.00 9.10  ? 3  DC  A O2    1 
ATOM   53  N N3    . DC  A 1 3  ? 5.330   -5.339  -9.677  1.00 9.07  ? 3  DC  A N3    1 
ATOM   54  C C4    . DC  A 1 3  ? 5.166   -4.180  -10.363 1.00 8.97  ? 3  DC  A C4    1 
ATOM   55  N N4    . DC  A 1 3  ? 6.043   -3.230  -10.143 1.00 9.06  ? 3  DC  A N4    1 
ATOM   56  C C5    . DC  A 1 3  ? 4.069   -4.049  -11.224 1.00 8.96  ? 3  DC  A C5    1 
ATOM   57  C C6    . DC  A 1 3  ? 3.249   -5.086  -11.372 1.00 8.93  ? 3  DC  A C6    1 
HETATM 58  P P     . G36 A 1 4  ? -1.646  -8.709  -10.042 1.00 9.70  ? 4  G36 A P     1 
HETATM 59  O O1P   . G36 A 1 4  ? -2.664  -9.246  -11.035 1.00 9.34  ? 4  G36 A O1P   1 
HETATM 60  O O2P   . G36 A 1 4  ? -1.741  -7.235  -9.797  1.00 9.45  ? 4  G36 A O2P   1 
HETATM 61  O "O5'" . G36 A 1 4  ? -1.625  -9.598  -8.723  1.00 10.56 ? 4  G36 A "O5'" 1 
HETATM 62  C "C5'" . G36 A 1 4  ? -0.608  -10.642 -8.514  1.00 10.70 ? 4  G36 A "C5'" 1 
HETATM 63  C "C4'" . G36 A 1 4  ? 0.221   -10.147 -7.301  1.00 10.76 ? 4  G36 A "C4'" 1 
HETATM 64  O "O4'" . G36 A 1 4  ? 0.882   -8.939  -7.707  1.00 10.79 ? 4  G36 A "O4'" 1 
HETATM 65  C "C3'" . G36 A 1 4  ? -0.569  -9.835  -6.060  1.00 10.79 ? 4  G36 A "C3'" 1 
HETATM 66  O "O3'" . G36 A 1 4  ? -0.112  -10.408 -4.811  1.00 10.90 ? 4  G36 A "O3'" 1 
HETATM 67  C "C2'" . G36 A 1 4  ? -0.559  -8.283  -5.996  1.00 10.77 ? 4  G36 A "C2'" 1 
HETATM 68  C CM2   . G36 A 1 4  ? 1.408   -2.187  -9.298  1.00 10.58 ? 4  G36 A CM2   1 
HETATM 69  C "C1'" . G36 A 1 4  ? 0.784   -7.973  -6.588  1.00 10.72 ? 4  G36 A "C1'" 1 
HETATM 70  N N9    . G36 A 1 4  ? 0.986   -6.581  -7.025  1.00 10.65 ? 4  G36 A N9    1 
HETATM 71  C C8    . G36 A 1 4  ? 0.208   -5.771  -7.833  1.00 10.64 ? 4  G36 A C8    1 
HETATM 72  N N7    . G36 A 1 4  ? 0.721   -4.585  -8.049  1.00 10.60 ? 4  G36 A N7    1 
HETATM 73  C C5    . G36 A 1 4  ? 1.926   -4.593  -7.334  1.00 10.57 ? 4  G36 A C5    1 
HETATM 74  C C6    . G36 A 1 4  ? 2.936   -3.624  -7.177  1.00 10.55 ? 4  G36 A C6    1 
HETATM 75  O O6    . G36 A 1 4  ? 3.036   -2.364  -7.619  1.00 10.52 ? 4  G36 A O6    1 
HETATM 76  N N1    . G36 A 1 4  ? 3.979   -4.011  -6.371  1.00 10.52 ? 4  G36 A N1    1 
HETATM 77  C C2    . G36 A 1 4  ? 4.049   -5.232  -5.824  1.00 10.54 ? 4  G36 A C2    1 
HETATM 78  N N2    . G36 A 1 4  ? 5.158   -5.472  -5.110  1.00 10.51 ? 4  G36 A N2    1 
HETATM 79  C C1M   . G36 A 1 4  ? 2.840   -1.833  -8.821  1.00 10.54 ? 4  G36 A C1M   1 
HETATM 80  N N3    . G36 A 1 4  ? 3.130   -6.199  -5.955  1.00 10.56 ? 4  G36 A N3    1 
HETATM 81  C C4    . G36 A 1 4  ? 2.092   -5.804  -6.706  1.00 10.58 ? 4  G36 A C4    1 
ATOM   82  P P     . DA  A 1 5  ? -1.274  -10.569 -3.681  1.00 11.91 ? 5  DA  A P     1 
ATOM   83  O OP1   . DA  A 1 5  ? -2.201  -11.715 -3.970  1.00 12.05 ? 5  DA  A OP1   1 
ATOM   84  O OP2   . DA  A 1 5  ? -2.008  -9.244  -3.863  1.00 11.58 ? 5  DA  A OP2   1 
ATOM   85  O "O5'" . DA  A 1 5  ? -0.577  -10.737 -2.294  1.00 11.89 ? 5  DA  A "O5'" 1 
ATOM   86  C "C5'" . DA  A 1 5  ? 0.513   -11.599 -2.025  1.00 12.01 ? 5  DA  A "C5'" 1 
ATOM   87  C "C4'" . DA  A 1 5  ? 1.544   -10.758 -1.264  1.00 12.07 ? 5  DA  A "C4'" 1 
ATOM   88  O "O4'" . DA  A 1 5  ? 1.857   -9.510  -1.864  1.00 12.08 ? 5  DA  A "O4'" 1 
ATOM   89  C "C3'" . DA  A 1 5  ? 1.069   -10.413 0.121   1.00 12.10 ? 5  DA  A "C3'" 1 
ATOM   90  O "O3'" . DA  A 1 5  ? 2.175   -10.450 1.047   1.00 12.09 ? 5  DA  A "O3'" 1 
ATOM   91  C "C2'" . DA  A 1 5  ? 0.434   -9.011  -0.102  1.00 12.09 ? 5  DA  A "C2'" 1 
ATOM   92  C "C1'" . DA  A 1 5  ? 1.483   -8.386  -0.974  1.00 12.11 ? 5  DA  A "C1'" 1 
ATOM   93  N N9    . DA  A 1 5  ? 1.107   -7.249  -1.830  1.00 12.11 ? 5  DA  A N9    1 
ATOM   94  C C8    . DA  A 1 5  ? 0.057   -7.173  -2.713  1.00 12.13 ? 5  DA  A C8    1 
ATOM   95  N N7    . DA  A 1 5  ? 0.000   -6.045  -3.395  1.00 12.14 ? 5  DA  A N7    1 
ATOM   96  C C5    . DA  A 1 5  ? 1.125   -5.356  -2.984  1.00 12.11 ? 5  DA  A C5    1 
ATOM   97  C C6    . DA  A 1 5  ? 1.629   -4.097  -3.389  1.00 12.14 ? 5  DA  A C6    1 
ATOM   98  N N6    . DA  A 1 5  ? 1.058   -3.313  -4.317  1.00 12.09 ? 5  DA  A N6    1 
ATOM   99  N N1    . DA  A 1 5  ? 2.780   -3.688  -2.744  1.00 12.09 ? 5  DA  A N1    1 
ATOM   100 C C2    . DA  A 1 5  ? 3.318   -4.490  -1.785  1.00 12.09 ? 5  DA  A C2    1 
ATOM   101 N N3    . DA  A 1 5  ? 2.902   -5.663  -1.350  1.00 12.10 ? 5  DA  A N3    1 
ATOM   102 C C4    . DA  A 1 5  ? 1.796   -6.056  -2.006  1.00 12.12 ? 5  DA  A C4    1 
ATOM   103 P P     . DA  A 1 6  ? 1.819   -9.874  2.538   1.00 12.03 ? 6  DA  A P     1 
ATOM   104 O OP1   . DA  A 1 6  ? 2.285   -10.851 3.575   1.00 11.91 ? 6  DA  A OP1   1 
ATOM   105 O OP2   . DA  A 1 6  ? 0.316   -9.851  2.458   1.00 11.74 ? 6  DA  A OP2   1 
ATOM   106 O "O5'" . DA  A 1 6  ? 2.589   -8.499  2.575   1.00 12.04 ? 6  DA  A "O5'" 1 
ATOM   107 C "C5'" . DA  A 1 6  ? 4.021   -8.661  2.929   1.00 12.08 ? 6  DA  A "C5'" 1 
ATOM   108 C "C4'" . DA  A 1 6  ? 4.624   -7.281  2.971   1.00 12.11 ? 6  DA  A "C4'" 1 
ATOM   109 O "O4'" . DA  A 1 6  ? 4.184   -6.425  1.950   1.00 12.12 ? 6  DA  A "O4'" 1 
ATOM   110 C "C3'" . DA  A 1 6  ? 4.322   -6.549  4.284   1.00 12.08 ? 6  DA  A "C3'" 1 
ATOM   111 O "O3'" . DA  A 1 6  ? 5.497   -5.810  4.717   1.00 11.95 ? 6  DA  A "O3'" 1 
ATOM   112 C "C2'" . DA  A 1 6  ? 3.142   -5.707  3.912   1.00 12.11 ? 6  DA  A "C2'" 1 
ATOM   113 C "C1'" . DA  A 1 6  ? 3.558   -5.259  2.534   1.00 12.21 ? 6  DA  A "C1'" 1 
ATOM   114 N N9    . DA  A 1 6  ? 2.378   -4.846  1.758   1.00 12.31 ? 6  DA  A N9    1 
ATOM   115 C C8    . DA  A 1 6  ? 1.172   -5.504  1.724   1.00 12.33 ? 6  DA  A C8    1 
ATOM   116 N N7    . DA  A 1 6  ? 0.297   -4.952  0.904   1.00 12.39 ? 6  DA  A N7    1 
ATOM   117 C C5    . DA  A 1 6  ? 1.002   -3.903  0.346   1.00 12.36 ? 6  DA  A C5    1 
ATOM   118 C C6    . DA  A 1 6  ? 0.599   -2.941  -0.617  1.00 12.37 ? 6  DA  A C6    1 
ATOM   119 N N6    . DA  A 1 6  ? -0.609  -2.884  -1.123  1.00 12.35 ? 6  DA  A N6    1 
ATOM   120 N N1    . DA  A 1 6  ? 1.558   -2.037  -0.977  1.00 12.37 ? 6  DA  A N1    1 
ATOM   121 C C2    . DA  A 1 6  ? 2.822   -2.075  -0.413  1.00 12.41 ? 6  DA  A C2    1 
ATOM   122 N N3    . DA  A 1 6  ? 3.242   -2.964  0.494   1.00 12.37 ? 6  DA  A N3    1 
ATOM   123 C C4    . DA  A 1 6  ? 2.277   -3.830  0.842   1.00 12.33 ? 6  DA  A C4    1 
ATOM   124 P P     . DT  A 1 7  ? 5.113   -4.927  6.113   1.00 12.02 ? 7  DT  A P     1 
ATOM   125 O OP1   . DT  A 1 7  ? 6.288   -4.239  6.681   1.00 11.70 ? 7  DT  A OP1   1 
ATOM   126 O OP2   . DT  A 1 7  ? 4.403   -5.916  6.859   1.00 11.34 ? 7  DT  A OP2   1 
ATOM   127 O "O5'" . DT  A 1 7  ? 4.187   -3.830  5.293   1.00 10.61 ? 7  DT  A "O5'" 1 
ATOM   128 C "C5'" . DT  A 1 7  ? 4.850   -3.240  4.137   1.00 10.38 ? 7  DT  A "C5'" 1 
ATOM   129 C "C4'" . DT  A 1 7  ? 4.690   -1.743  4.317   1.00 10.33 ? 7  DT  A "C4'" 1 
ATOM   130 O "O4'" . DT  A 1 7  ? 3.650   -1.283  3.452   1.00 10.28 ? 7  DT  A "O4'" 1 
ATOM   131 C "C3'" . DT  A 1 7  ? 4.274   -1.218  5.701   1.00 10.25 ? 7  DT  A "C3'" 1 
ATOM   132 O "O3'" . DT  A 1 7  ? 4.535   0.141   5.889   1.00 10.12 ? 7  DT  A "O3'" 1 
ATOM   133 C "C2'" . DT  A 1 7  ? 2.757   -1.497  5.624   1.00 10.21 ? 7  DT  A "C2'" 1 
ATOM   134 C "C1'" . DT  A 1 7  ? 2.506   -0.945  4.236   1.00 10.18 ? 7  DT  A "C1'" 1 
ATOM   135 N N1    . DT  A 1 7  ? 1.322   -1.514  3.590   1.00 10.14 ? 7  DT  A N1    1 
ATOM   136 C C2    . DT  A 1 7  ? 0.734   -0.639  2.680   1.00 10.12 ? 7  DT  A C2    1 
ATOM   137 O O2    . DT  A 1 7  ? 1.238   0.461   2.518   1.00 10.14 ? 7  DT  A O2    1 
ATOM   138 N N3    . DT  A 1 7  ? -0.379  -1.055  2.028   1.00 10.12 ? 7  DT  A N3    1 
ATOM   139 C C4    . DT  A 1 7  ? -0.949  -2.260  2.229   1.00 10.11 ? 7  DT  A C4    1 
ATOM   140 O O4    . DT  A 1 7  ? -1.972  -2.544  1.550   1.00 10.14 ? 7  DT  A O4    1 
ATOM   141 C C5    . DT  A 1 7  ? -0.349  -3.129  3.176   1.00 10.10 ? 7  DT  A C5    1 
ATOM   142 C C7    . DT  A 1 7  ? -0.959  -4.485  3.409   1.00 10.10 ? 7  DT  A C7    1 
ATOM   143 C C6    . DT  A 1 7  ? 0.766   -2.725  3.790   1.00 10.11 ? 7  DT  A C6    1 
ATOM   144 P P     . DT  A 1 8  ? 4.640   0.948   7.223   1.00 9.95  ? 8  DT  A P     1 
ATOM   145 O OP1   . DT  A 1 8  ? 5.968   1.716   7.391   1.00 9.60  ? 8  DT  A OP1   1 
ATOM   146 O OP2   . DT  A 1 8  ? 4.505   -0.017  8.315   1.00 9.83  ? 8  DT  A OP2   1 
ATOM   147 O "O5'" . DT  A 1 8  ? 3.406   2.009   7.100   1.00 9.70  ? 8  DT  A "O5'" 1 
ATOM   148 C "C5'" . DT  A 1 8  ? 2.617   2.024   5.875   1.00 9.64  ? 8  DT  A "C5'" 1 
ATOM   149 C "C4'" . DT  A 1 8  ? 2.468   3.466   5.453   1.00 9.66  ? 8  DT  A "C4'" 1 
ATOM   150 O "O4'" . DT  A 1 8  ? 1.366   3.706   4.563   1.00 9.56  ? 8  DT  A "O4'" 1 
ATOM   151 C "C3'" . DT  A 1 8  ? 2.109   4.404   6.599   1.00 9.63  ? 8  DT  A "C3'" 1 
ATOM   152 O "O3'" . DT  A 1 8  ? 2.260   5.747   6.237   1.00 9.84  ? 8  DT  A "O3'" 1 
ATOM   153 C "C2'" . DT  A 1 8  ? 0.634   4.057   6.779   1.00 9.61  ? 8  DT  A "C2'" 1 
ATOM   154 C "C1'" . DT  A 1 8  ? 0.199   3.743   5.366   1.00 9.49  ? 8  DT  A "C1'" 1 
ATOM   155 N N1    . DT  A 1 8  ? -0.520  2.457   5.316   1.00 9.44  ? 8  DT  A N1    1 
ATOM   156 C C2    . DT  A 1 8  ? -1.432  2.402   4.262   1.00 9.39  ? 8  DT  A C2    1 
ATOM   157 O O2    . DT  A 1 8  ? -1.551  3.353   3.530   1.00 9.35  ? 8  DT  A O2    1 
ATOM   158 N N3    . DT  A 1 8  ? -2.156  1.271   4.126   1.00 9.37  ? 8  DT  A N3    1 
ATOM   159 C C4    . DT  A 1 8  ? -2.092  0.195   4.967   1.00 9.37  ? 8  DT  A C4    1 
ATOM   160 O O4    . DT  A 1 8  ? -2.867  -0.784  4.682   1.00 9.32  ? 8  DT  A O4    1 
ATOM   161 C C5    . DT  A 1 8  ? -1.167  0.273   6.039   1.00 9.36  ? 8  DT  A C5    1 
ATOM   162 C C7    . DT  A 1 8  ? -1.051  -0.903  6.981   1.00 9.36  ? 8  DT  A C7    1 
ATOM   163 C C6    . DT  A 1 8  ? -0.438  1.386   6.175   1.00 9.39  ? 8  DT  A C6    1 
ATOM   164 P P     . DC  A 1 9  ? 2.399   6.896   7.444   1.00 11.36 ? 9  DC  A P     1 
ATOM   165 O OP1   . DC  A 1 9  ? 3.716   7.633   7.295   1.00 10.80 ? 9  DC  A OP1   1 
ATOM   166 O OP2   . DC  A 1 9  ? 2.270   6.149   8.646   1.00 10.98 ? 9  DC  A OP2   1 
ATOM   167 O "O5'" . DC  A 1 9  ? 1.144   7.906   6.971   1.00 10.44 ? 9  DC  A "O5'" 1 
ATOM   168 C "C5'" . DC  A 1 9  ? 0.924   7.797   5.514   1.00 10.34 ? 9  DC  A "C5'" 1 
ATOM   169 C "C4'" . DC  A 1 9  ? -0.220  8.628   5.038   1.00 10.29 ? 9  DC  A "C4'" 1 
ATOM   170 O "O4'" . DC  A 1 9  ? -1.343  7.798   4.692   1.00 10.21 ? 9  DC  A "O4'" 1 
ATOM   171 C "C3'" . DC  A 1 9  ? -0.804  9.602   6.050   1.00 10.29 ? 9  DC  A "C3'" 1 
ATOM   172 O "O3'" . DC  A 1 9  ? -1.565  10.703  5.486   1.00 10.29 ? 9  DC  A "O3'" 1 
ATOM   173 C "C2'" . DC  A 1 9  ? -1.596  8.560   6.864   1.00 10.21 ? 9  DC  A "C2'" 1 
ATOM   174 C "C1'" . DC  A 1 9  ? -2.308  7.843   5.695   1.00 10.14 ? 9  DC  A "C1'" 1 
ATOM   175 N N1    . DC  A 1 9  ? -2.834  6.532   6.104   1.00 10.10 ? 9  DC  A N1    1 
ATOM   176 C C2    . DC  A 1 9  ? -3.958  6.095   5.392   1.00 10.05 ? 9  DC  A C2    1 
ATOM   177 O O2    . DC  A 1 9  ? -4.394  6.748   4.474   1.00 10.02 ? 9  DC  A O2    1 
ATOM   178 N N3    . DC  A 1 9  ? -4.549  4.922   5.753   1.00 10.01 ? 9  DC  A N3    1 
ATOM   179 C C4    . DC  A 1 9  ? -4.097  4.153   6.754   1.00 10.04 ? 9  DC  A C4    1 
ATOM   180 N N4    . DC  A 1 9  ? -4.708  2.994   7.022   1.00 9.98  ? 9  DC  A N4    1 
ATOM   181 C C5    . DC  A 1 9  ? -2.965  4.611   7.506   1.00 10.06 ? 9  DC  A C5    1 
ATOM   182 C C6    . DC  A 1 9  ? -2.398  5.787   7.168   1.00 10.06 ? 9  DC  A C6    1 
ATOM   183 P P     . DG  A 1 10 ? -1.579  12.102  6.320   1.00 10.49 ? 10 DG  A P     1 
ATOM   184 O OP1   . DG  A 1 10 ? -0.259  12.832  5.971   1.00 10.26 ? 10 DG  A OP1   1 
ATOM   185 O OP2   . DG  A 1 10 ? -1.668  11.684  7.708   1.00 9.85  ? 10 DG  A OP2   1 
ATOM   186 O "O5'" . DG  A 1 10 ? -2.783  12.966  5.805   1.00 11.24 ? 10 DG  A "O5'" 1 
ATOM   187 C "C5'" . DG  A 1 10 ? -3.414  12.762  4.547   1.00 11.34 ? 10 DG  A "C5'" 1 
ATOM   188 C "C4'" . DG  A 1 10 ? -4.677  11.958  4.743   1.00 11.41 ? 10 DG  A "C4'" 1 
ATOM   189 O "O4'" . DG  A 1 10 ? -4.344  10.740  5.398   1.00 11.36 ? 10 DG  A "O4'" 1 
ATOM   190 C "C3'" . DG  A 1 10 ? -5.798  12.641  5.526   1.00 11.49 ? 10 DG  A "C3'" 1 
ATOM   191 O "O3'" . DG  A 1 10 ? -6.964  12.935  4.678   1.00 11.69 ? 10 DG  A "O3'" 1 
ATOM   192 C "C2'" . DG  A 1 10 ? -6.032  11.659  6.689   1.00 11.47 ? 10 DG  A "C2'" 1 
ATOM   193 C "C1'" . DG  A 1 10 ? -5.538  10.331  6.124   1.00 11.40 ? 10 DG  A "C1'" 1 
ATOM   194 N N9    . DG  A 1 10 ? -5.280  9.246   7.092   1.00 11.35 ? 10 DG  A N9    1 
ATOM   195 C C8    . DG  A 1 10 ? -4.250  9.125   8.002   1.00 11.33 ? 10 DG  A C8    1 
ATOM   196 N N7    . DG  A 1 10 ? -4.240  7.995   8.679   1.00 11.31 ? 10 DG  A N7    1 
ATOM   197 C C5    . DG  A 1 10 ? -5.333  7.290   8.132   1.00 11.28 ? 10 DG  A C5    1 
ATOM   198 C C6    . DG  A 1 10 ? -5.852  6.016   8.449   1.00 11.28 ? 10 DG  A C6    1 
ATOM   199 O O6    . DG  A 1 10 ? -5.434  5.202   9.272   1.00 11.18 ? 10 DG  A O6    1 
ATOM   200 N N1    . DG  A 1 10 ? -6.980  5.650   7.726   1.00 11.24 ? 10 DG  A N1    1 
ATOM   201 C C2    . DG  A 1 10 ? -7.508  6.441   6.778   1.00 11.25 ? 10 DG  A C2    1 
ATOM   202 N N2    . DG  A 1 10 ? -8.592  5.941   6.172   1.00 11.19 ? 10 DG  A N2    1 
ATOM   203 N N3    . DG  A 1 10 ? -7.034  7.643   6.446   1.00 11.28 ? 10 DG  A N3    1 
ATOM   204 C C4    . DG  A 1 10 ? -5.961  8.020   7.163   1.00 11.29 ? 10 DG  A C4    1 
ATOM   205 P P     . DC  A 1 11 ? -8.374  13.520  5.236   1.00 12.88 ? 11 DC  A P     1 
ATOM   206 O OP1   . DC  A 1 11 ? -8.634  14.961  5.189   1.00 12.17 ? 11 DC  A OP1   1 
ATOM   207 O OP2   . DC  A 1 11 ? -8.292  13.060  6.760   1.00 12.66 ? 11 DC  A OP2   1 
ATOM   208 O "O5'" . DC  A 1 11 ? -9.482  12.629  4.545   1.00 12.47 ? 11 DC  A "O5'" 1 
ATOM   209 C "C5'" . DC  A 1 11 ? -9.109  11.747  3.392   1.00 12.47 ? 11 DC  A "C5'" 1 
ATOM   210 C "C4'" . DC  A 1 11 ? -10.504 11.188  3.051   1.00 12.44 ? 11 DC  A "C4'" 1 
ATOM   211 O "O4'" . DC  A 1 11 ? -10.721 9.956   3.694   1.00 12.35 ? 11 DC  A "O4'" 1 
ATOM   212 C "C3'" . DC  A 1 11 ? -11.644 12.113  3.535   1.00 12.41 ? 11 DC  A "C3'" 1 
ATOM   213 O "O3'" . DC  A 1 11 ? -12.721 12.089  2.611   1.00 12.51 ? 11 DC  A "O3'" 1 
ATOM   214 C "C2'" . DC  A 1 11 ? -11.930 11.607  4.939   1.00 12.34 ? 11 DC  A "C2'" 1 
ATOM   215 C "C1'" . DC  A 1 11 ? -11.398 10.201  4.939   1.00 12.28 ? 11 DC  A "C1'" 1 
ATOM   216 N N1    . DC  A 1 11 ? -10.487 9.945   6.066   1.00 12.19 ? 11 DC  A N1    1 
ATOM   217 C C2    . DC  A 1 11 ? -10.616 8.678   6.633   1.00 12.15 ? 11 DC  A C2    1 
ATOM   218 O O2    . DC  A 1 11 ? -11.422 7.875   6.185   1.00 12.06 ? 11 DC  A O2    1 
ATOM   219 N N3    . DC  A 1 11 ? -9.816  8.365   7.692   1.00 12.10 ? 11 DC  A N3    1 
ATOM   220 C C4    . DC  A 1 11 ? -8.893  9.266   8.172   1.00 12.13 ? 11 DC  A C4    1 
ATOM   221 N N4    . DC  A 1 11 ? -8.168  8.872   9.224   1.00 12.08 ? 11 DC  A N4    1 
ATOM   222 C C5    . DC  A 1 11 ? -8.783  10.553  7.592   1.00 12.11 ? 11 DC  A C5    1 
ATOM   223 C C6    . DC  A 1 11 ? -9.595  10.838  6.566   1.00 12.14 ? 11 DC  A C6    1 
ATOM   224 P P     . DG  A 1 12 ? -14.145 12.817  2.997   1.00 12.68 ? 12 DG  A P     1 
ATOM   225 O OP1   . DG  A 1 12 ? -14.814 13.181  1.644   1.00 12.60 ? 12 DG  A OP1   1 
ATOM   226 O OP2   . DG  A 1 12 ? -13.625 14.019  3.701   1.00 12.58 ? 12 DG  A OP2   1 
ATOM   227 O "O5'" . DG  A 1 12 ? -14.908 11.737  3.742   1.00 12.92 ? 12 DG  A "O5'" 1 
ATOM   228 C "C5'" . DG  A 1 12 ? -16.316 11.471  3.914   1.00 12.91 ? 12 DG  A "C5'" 1 
ATOM   229 C "C4'" . DG  A 1 12 ? -16.447 10.646  5.182   1.00 12.90 ? 12 DG  A "C4'" 1 
ATOM   230 O "O4'" . DG  A 1 12 ? -15.177 10.452  5.807   1.00 12.95 ? 12 DG  A "O4'" 1 
ATOM   231 C "C3'" . DG  A 1 12 ? -17.244 11.292  6.296   1.00 12.89 ? 12 DG  A "C3'" 1 
ATOM   232 O "O3'" . DG  A 1 12 ? -18.623 10.991  6.097   1.00 12.87 ? 12 DG  A "O3'" 1 
ATOM   233 C "C2'" . DG  A 1 12 ? -16.652 10.733  7.572   1.00 12.88 ? 12 DG  A "C2'" 1 
ATOM   234 C "C1'" . DG  A 1 12 ? -15.406 10.041  7.172   1.00 12.92 ? 12 DG  A "C1'" 1 
ATOM   235 N N9    . DG  A 1 12 ? -14.218 10.394  7.981   1.00 12.92 ? 12 DG  A N9    1 
ATOM   236 C C8    . DG  A 1 12 ? -13.433 11.512  7.878   1.00 12.93 ? 12 DG  A C8    1 
ATOM   237 N N7    . DG  A 1 12 ? -12.407 11.541  8.694   1.00 12.89 ? 12 DG  A N7    1 
ATOM   238 C C5    . DG  A 1 12 ? -12.534 10.350  9.387   1.00 12.88 ? 12 DG  A C5    1 
ATOM   239 C C6    . DG  A 1 12 ? -11.722 9.791   10.412  1.00 12.89 ? 12 DG  A C6    1 
ATOM   240 O O6    . DG  A 1 12 ? -10.740 10.372  10.917  1.00 12.78 ? 12 DG  A O6    1 
ATOM   241 N N1    . DG  A 1 12 ? -12.106 8.518   10.845  1.00 12.88 ? 12 DG  A N1    1 
ATOM   242 C C2    . DG  A 1 12 ? -13.205 7.900   10.324  1.00 12.88 ? 12 DG  A C2    1 
ATOM   243 N N2    . DG  A 1 12 ? -13.484 6.682   10.776  1.00 12.79 ? 12 DG  A N2    1 
ATOM   244 N N3    . DG  A 1 12 ? -14.029 8.405   9.375   1.00 12.92 ? 12 DG  A N3    1 
ATOM   245 C C4    . DG  A 1 12 ? -13.606 9.615   8.934   1.00 12.91 ? 12 DG  A C4    1 
ATOM   246 O "O5'" . DC  B 1 1  ? -10.990 6.766   16.898  1.00 11.30 ? 13 DC  B "O5'" 1 
ATOM   247 C "C5'" . DC  B 1 1  ? -11.007 5.766   17.930  1.00 11.42 ? 13 DC  B "C5'" 1 
ATOM   248 C "C4'" . DC  B 1 1  ? -11.547 4.432   17.464  1.00 11.39 ? 13 DC  B "C4'" 1 
ATOM   249 O "O4'" . DC  B 1 1  ? -12.322 4.586   16.269  1.00 11.45 ? 13 DC  B "O4'" 1 
ATOM   250 C "C3'" . DC  B 1 1  ? -10.481 3.373   17.119  1.00 11.38 ? 13 DC  B "C3'" 1 
ATOM   251 O "O3'" . DC  B 1 1  ? -10.836 2.042   17.436  1.00 11.25 ? 13 DC  B "O3'" 1 
ATOM   252 C "C2'" . DC  B 1 1  ? -10.249 3.611   15.631  1.00 11.41 ? 13 DC  B "C2'" 1 
ATOM   253 C "C1'" . DC  B 1 1  ? -11.375 4.480   15.173  1.00 11.44 ? 13 DC  B "C1'" 1 
ATOM   254 N N1    . DC  B 1 1  ? -10.844 5.804   14.768  1.00 11.50 ? 13 DC  B N1    1 
ATOM   255 C C2    . DC  B 1 1  ? -11.665 6.535   13.927  1.00 11.52 ? 13 DC  B C2    1 
ATOM   256 O O2    . DC  B 1 1  ? -12.768 6.099   13.544  1.00 11.59 ? 13 DC  B O2    1 
ATOM   257 N N3    . DC  B 1 1  ? -11.185 7.755   13.509  1.00 11.54 ? 13 DC  B N3    1 
ATOM   258 C C4    . DC  B 1 1  ? -10.020 8.286   13.962  1.00 11.46 ? 13 DC  B C4    1 
ATOM   259 N N4    . DC  B 1 1  ? -9.720  9.507   13.521  1.00 11.47 ? 13 DC  B N4    1 
ATOM   260 C C5    . DC  B 1 1  ? -9.239  7.539   14.838  1.00 11.42 ? 13 DC  B C5    1 
ATOM   261 C C6    . DC  B 1 1  ? -9.678  6.349   15.220  1.00 11.44 ? 13 DC  B C6    1 
ATOM   262 P P     . DG  B 1 2  ? -11.220 0.730   16.774  1.00 10.48 ? 14 DG  B P     1 
ATOM   263 O OP1   . DG  B 1 2  ? -12.144 -0.119  17.646  1.00 10.72 ? 14 DG  B OP1   1 
ATOM   264 O OP2   . DG  B 1 2  ? -9.935  -0.089  16.621  1.00 10.61 ? 14 DG  B OP2   1 
ATOM   265 O "O5'" . DG  B 1 2  ? -11.940 1.010   15.357  1.00 10.15 ? 14 DG  B "O5'" 1 
ATOM   266 C "C5'" . DG  B 1 2  ? -11.544 0.462   14.131  1.00 10.09 ? 14 DG  B "C5'" 1 
ATOM   267 C "C4'" . DG  B 1 2  ? -12.693 0.229   13.182  1.00 10.07 ? 14 DG  B "C4'" 1 
ATOM   268 O "O4'" . DG  B 1 2  ? -13.087 1.433   12.531  1.00 10.12 ? 14 DG  B "O4'" 1 
ATOM   269 C "C3'" . DG  B 1 2  ? -12.343 -0.675  11.995  1.00 10.06 ? 14 DG  B "C3'" 1 
ATOM   270 O "O3'" . DG  B 1 2  ? -13.419 -1.204  11.236  1.00 9.93  ? 14 DG  B "O3'" 1 
ATOM   271 C "C2'" . DG  B 1 2  ? -11.593 0.299   11.096  1.00 10.13 ? 14 DG  B "C2'" 1 
ATOM   272 C "C1'" . DG  B 1 2  ? -12.388 1.624   11.301  1.00 10.18 ? 14 DG  B "C1'" 1 
ATOM   273 N N9    . DG  B 1 2  ? -11.359 2.668   11.246  1.00 10.23 ? 14 DG  B N9    1 
ATOM   274 C C8    . DG  B 1 2  ? -10.251 2.659   12.040  1.00 10.24 ? 14 DG  B C8    1 
ATOM   275 N N7    . DG  B 1 2  ? -9.458  3.650   11.849  1.00 10.27 ? 14 DG  B N7    1 
ATOM   276 C C5    . DG  B 1 2  ? -10.051 4.377   10.818  1.00 10.29 ? 14 DG  B C5    1 
ATOM   277 C C6    . DG  B 1 2  ? -9.634  5.585   10.185  1.00 10.33 ? 14 DG  B C6    1 
ATOM   278 O O6    . DG  B 1 2  ? -8.598  6.249   10.403  1.00 10.40 ? 14 DG  B O6    1 
ATOM   279 N N1    . DG  B 1 2  ? -10.513 6.042   9.236   1.00 10.38 ? 14 DG  B N1    1 
ATOM   280 C C2    . DG  B 1 2  ? -11.651 5.365   8.931   1.00 10.35 ? 14 DG  B C2    1 
ATOM   281 N N2    . DG  B 1 2  ? -12.402 5.941   7.984   1.00 10.42 ? 14 DG  B N2    1 
ATOM   282 N N3    . DG  B 1 2  ? -12.065 4.219   9.493   1.00 10.35 ? 14 DG  B N3    1 
ATOM   283 C C4    . DG  B 1 2  ? -11.218 3.779   10.446  1.00 10.28 ? 14 DG  B C4    1 
ATOM   284 P P     . DC  B 1 3  ? -13.195 -2.522  10.351  1.00 9.20  ? 15 DC  B P     1 
ATOM   285 O OP1   . DC  B 1 3  ? -14.461 -3.354  10.336  1.00 9.53  ? 15 DC  B OP1   1 
ATOM   286 O OP2   . DC  B 1 3  ? -12.038 -3.077  11.059  1.00 8.62  ? 15 DC  B OP2   1 
ATOM   287 O "O5'" . DC  B 1 3  ? -12.984 -1.998  8.860   1.00 10.06 ? 15 DC  B "O5'" 1 
ATOM   288 C "C5'" . DC  B 1 3  ? -13.979 -1.340  8.065   1.00 10.19 ? 15 DC  B "C5'" 1 
ATOM   289 C "C4'" . DC  B 1 3  ? -13.396 -0.108  7.365   1.00 10.25 ? 15 DC  B "C4'" 1 
ATOM   290 O "O4'" . DC  B 1 3  ? -12.457 0.540   8.281   1.00 10.30 ? 15 DC  B "O4'" 1 
ATOM   291 C "C3'" . DC  B 1 3  ? -12.577 -0.282  6.119   1.00 10.25 ? 15 DC  B "C3'" 1 
ATOM   292 O "O3'" . DC  B 1 3  ? -13.249 -0.390  4.854   1.00 10.17 ? 15 DC  B "O3'" 1 
ATOM   293 C "C2'" . DC  B 1 3  ? -11.696 0.987   6.072   1.00 10.30 ? 15 DC  B "C2'" 1 
ATOM   294 C "C1'" . DC  B 1 3  ? -11.712 1.512   7.475   1.00 10.35 ? 15 DC  B "C1'" 1 
ATOM   295 N N1    . DC  B 1 3  ? -10.349 1.763   7.986   1.00 10.37 ? 15 DC  B N1    1 
ATOM   296 C C2    . DC  B 1 3  ? -9.775  2.993   7.659   1.00 10.40 ? 15 DC  B C2    1 
ATOM   297 O O2    . DC  B 1 3  ? -10.332 3.770   6.902   1.00 10.49 ? 15 DC  B O2    1 
ATOM   298 N N3    . DC  B 1 3  ? -8.530  3.291   8.161   1.00 10.40 ? 15 DC  B N3    1 
ATOM   299 C C4    . DC  B 1 3  ? -7.865  2.437   8.952   1.00 10.39 ? 15 DC  B C4    1 
ATOM   300 N N4    . DC  B 1 3  ? -6.645  2.751   9.381   1.00 10.45 ? 15 DC  B N4    1 
ATOM   301 C C5    . DC  B 1 3  ? -8.468  1.211   9.332   1.00 10.39 ? 15 DC  B C5    1 
ATOM   302 C C6    . DC  B 1 3  ? -9.694  0.941   8.837   1.00 10.37 ? 15 DC  B C6    1 
HETATM 303 P P     . G36 B 1 4  ? -12.835 -1.564  3.854   1.00 9.70  ? 16 G36 B P     1 
HETATM 304 O O1P   . G36 B 1 4  ? -14.210 -1.971  3.121   1.00 9.72  ? 16 G36 B O1P   1 
HETATM 305 O O2P   . G36 B 1 4  ? -12.202 -2.638  4.504   1.00 9.35  ? 16 G36 B O2P   1 
HETATM 306 O "O5'" . G36 B 1 4  ? -12.045 -0.840  2.622   1.00 8.67  ? 16 G36 B "O5'" 1 
HETATM 307 C "C5'" . G36 B 1 4  ? -13.106 -0.170  1.807   1.00 8.47  ? 16 G36 B "C5'" 1 
HETATM 308 C "C4'" . G36 B 1 4  ? -12.587 1.256   1.670   1.00 8.35  ? 16 G36 B "C4'" 1 
HETATM 309 O "O4'" . G36 B 1 4  ? -11.700 1.589   2.697   1.00 8.23  ? 16 G36 B "O4'" 1 
HETATM 310 C "C3'" . G36 B 1 4  ? -11.845 1.264   0.302   1.00 8.29  ? 16 G36 B "C3'" 1 
HETATM 311 O "O3'" . G36 B 1 4  ? -11.981 2.492   -0.433  1.00 8.25  ? 16 G36 B "O3'" 1 
HETATM 312 C "C2'" . G36 B 1 4  ? -10.478 0.784   0.795   1.00 8.21  ? 16 G36 B "C2'" 1 
HETATM 313 C CM2   . G36 B 1 4  ? -5.757  -1.014  8.232   1.00 7.78  ? 16 G36 B CM2   1 
HETATM 314 C "C1'" . G36 B 1 4  ? -10.360 1.547   2.129   1.00 8.16  ? 16 G36 B "C1'" 1 
HETATM 315 N N9    . G36 B 1 4  ? -9.398  0.902   3.018   1.00 8.04  ? 16 G36 B N9    1 
HETATM 316 C C8    . G36 B 1 4  ? -9.276  -0.429  3.275   1.00 7.99  ? 16 G36 B C8    1 
HETATM 317 N N7    . G36 B 1 4  ? -8.318  -0.703  4.121   1.00 7.96  ? 16 G36 B N7    1 
HETATM 318 C C5    . G36 B 1 4  ? -7.815  0.521   4.474   1.00 7.92  ? 16 G36 B C5    1 
HETATM 319 C C6    . G36 B 1 4  ? -6.776  0.843   5.368   1.00 7.93  ? 16 G36 B C6    1 
HETATM 320 O O6    . G36 B 1 4  ? -6.046  -0.025  6.113   1.00 7.90  ? 16 G36 B O6    1 
HETATM 321 N N1    . G36 B 1 4  ? -6.501  2.176   5.464   1.00 7.92  ? 16 G36 B N1    1 
HETATM 322 C C2    . G36 B 1 4  ? -7.232  3.080   4.747   1.00 7.96  ? 16 G36 B C2    1 
HETATM 323 N N2    . G36 B 1 4  ? -6.850  4.345   5.006   1.00 7.97  ? 16 G36 B N2    1 
HETATM 324 C C1M   . G36 B 1 4  ? -6.654  -0.950  6.965   1.00 7.87  ? 16 G36 B C1M   1 
HETATM 325 N N3    . G36 B 1 4  ? -8.211  2.818   3.890   1.00 7.94  ? 16 G36 B N3    1 
HETATM 326 C C4    . G36 B 1 4  ? -8.450  1.515   3.806   1.00 7.95  ? 16 G36 B C4    1 
ATOM   327 P P     . DA  B 1 5  ? -11.712 2.443   -2.052  1.00 8.32  ? 17 DA  B P     1 
ATOM   328 O OP1   . DA  B 1 5  ? -12.927 2.276   -2.830  1.00 7.75  ? 17 DA  B OP1   1 
ATOM   329 O OP2   . DA  B 1 5  ? -10.843 1.151   -2.136  1.00 7.99  ? 17 DA  B OP2   1 
ATOM   330 O "O5'" . DA  B 1 5  ? -10.744 3.678   -2.258  1.00 8.21  ? 17 DA  B "O5'" 1 
ATOM   331 C "C5'" . DA  B 1 5  ? -9.655  3.791   -1.274  1.00 8.25  ? 17 DA  B "C5'" 1 
ATOM   332 C "C4'" . DA  B 1 5  ? -8.983  5.094   -1.613  1.00 8.32  ? 17 DA  B "C4'" 1 
ATOM   333 O "O4'" . DA  B 1 5  ? -7.949  5.339   -0.698  1.00 8.34  ? 17 DA  B "O4'" 1 
ATOM   334 C "C3'" . DA  B 1 5  ? -8.300  5.064   -3.000  1.00 8.38  ? 17 DA  B "C3'" 1 
ATOM   335 O "O3'" . DA  B 1 5  ? -8.167  6.335   -3.612  1.00 8.49  ? 17 DA  B "O3'" 1 
ATOM   336 C "C2'" . DA  B 1 5  ? -7.010  4.362   -2.638  1.00 8.41  ? 17 DA  B "C2'" 1 
ATOM   337 C "C1'" . DA  B 1 5  ? -6.781  4.641   -1.169  1.00 8.40  ? 17 DA  B "C1'" 1 
ATOM   338 N N9    . DA  B 1 5  ? -6.588  3.411   -0.394  1.00 8.41  ? 17 DA  B N9    1 
ATOM   339 C C8    . DA  B 1 5  ? -7.268  2.204   -0.559  1.00 8.44  ? 17 DA  B C8    1 
ATOM   340 N N7    . DA  B 1 5  ? -6.883  1.275   0.278   1.00 8.41  ? 17 DA  B N7    1 
ATOM   341 C C5    . DA  B 1 5  ? -5.928  1.897   1.078   1.00 8.43  ? 17 DA  B C5    1 
ATOM   342 C C6    . DA  B 1 5  ? -5.179  1.417   2.173   1.00 8.44  ? 17 DA  B C6    1 
ATOM   343 N N6    . DA  B 1 5  ? -5.248  0.197   2.710   1.00 8.44  ? 17 DA  B N6    1 
ATOM   344 N N1    . DA  B 1 5  ? -4.278  2.322   2.685   1.00 8.47  ? 17 DA  B N1    1 
ATOM   345 C C2    . DA  B 1 5  ? -4.163  3.569   2.194   1.00 8.47  ? 17 DA  B C2    1 
ATOM   346 N N3    . DA  B 1 5  ? -4.867  4.112   1.153   1.00 8.46  ? 17 DA  B N3    1 
ATOM   347 C C4    . DA  B 1 5  ? -5.723  3.196   0.645   1.00 8.43  ? 17 DA  B C4    1 
ATOM   348 P P     . DA  B 1 6  ? -7.517  6.508   -5.103  1.00 9.06  ? 18 DA  B P     1 
ATOM   349 O OP1   . DA  B 1 6  ? -7.614  7.885   -5.556  1.00 9.33  ? 18 DA  B OP1   1 
ATOM   350 O OP2   . DA  B 1 6  ? -8.186  5.506   -5.910  1.00 9.57  ? 18 DA  B OP2   1 
ATOM   351 O "O5'" . DA  B 1 6  ? -5.958  6.140   -4.697  1.00 10.11 ? 18 DA  B "O5'" 1 
ATOM   352 C "C5'" . DA  B 1 6  ? -5.347  7.068   -3.749  1.00 10.26 ? 18 DA  B "C5'" 1 
ATOM   353 C "C4'" . DA  B 1 6  ? -4.014  6.532   -3.278  1.00 10.28 ? 18 DA  B "C4'" 1 
ATOM   354 O "O4'" . DA  B 1 6  ? -4.165  5.466   -2.405  1.00 10.26 ? 18 DA  B "O4'" 1 
ATOM   355 C "C3'" . DA  B 1 6  ? -3.094  5.992   -4.379  1.00 10.34 ? 18 DA  B "C3'" 1 
ATOM   356 O "O3'" . DA  B 1 6  ? -2.274  7.052   -4.874  1.00 10.48 ? 18 DA  B "O3'" 1 
ATOM   357 C "C2'" . DA  B 1 6  ? -2.304  4.865   -3.740  1.00 10.28 ? 18 DA  B "C2'" 1 
ATOM   358 C "C1'" . DA  B 1 6  ? -2.937  4.658   -2.410  1.00 10.28 ? 18 DA  B "C1'" 1 
ATOM   359 N N9    . DA  B 1 6  ? -3.265  3.252   -2.061  1.00 10.26 ? 18 DA  B N9    1 
ATOM   360 C C8    . DA  B 1 6  ? -4.307  2.467   -2.524  1.00 10.26 ? 18 DA  B C8    1 
ATOM   361 N N7    . DA  B 1 6  ? -4.390  1.278   -2.001  1.00 10.24 ? 18 DA  B N7    1 
ATOM   362 C C5    . DA  B 1 6  ? -3.351  1.284   -1.078  1.00 10.23 ? 18 DA  B C5    1 
ATOM   363 C C6    . DA  B 1 6  ? -2.923  0.282   -0.178  1.00 10.24 ? 18 DA  B C6    1 
ATOM   364 N N6    . DA  B 1 6  ? -3.476  -0.915  -0.091  1.00 10.23 ? 18 DA  B N6    1 
ATOM   365 N N1    . DA  B 1 6  ? -1.835  0.610   0.565   1.00 10.24 ? 18 DA  B N1    1 
ATOM   366 C C2    . DA  B 1 6  ? -1.231  1.835   0.430   1.00 10.29 ? 18 DA  B C2    1 
ATOM   367 N N3    . DA  B 1 6  ? -1.599  2.828   -0.392  1.00 10.20 ? 18 DA  B N3    1 
ATOM   368 C C4    . DA  B 1 6  ? -2.650  2.471   -1.117  1.00 10.22 ? 18 DA  B C4    1 
ATOM   369 P P     . DT  B 1 7  ? -1.184  7.819   -4.024  1.00 11.59 ? 19 DT  B P     1 
ATOM   370 O OP1   . DT  B 1 7  ? -1.582  8.107   -2.589  1.00 11.23 ? 19 DT  B OP1   1 
ATOM   371 O OP2   . DT  B 1 7  ? -1.027  9.123   -4.816  1.00 10.93 ? 19 DT  B OP2   1 
ATOM   372 O "O5'" . DT  B 1 7  ? 0.109   6.907   -4.051  1.00 11.63 ? 19 DT  B "O5'" 1 
ATOM   373 C "C5'" . DT  B 1 7  ? 0.417   5.898   -3.165  1.00 11.69 ? 19 DT  B "C5'" 1 
ATOM   374 C "C4'" . DT  B 1 7  ? 1.662   6.110   -2.357  1.00 11.71 ? 19 DT  B "C4'" 1 
ATOM   375 O "O4'" . DT  B 1 7  ? 1.654   4.956   -1.461  1.00 11.76 ? 19 DT  B "O4'" 1 
ATOM   376 C "C3'" . DT  B 1 7  ? 3.078   5.953   -2.930  1.00 11.72 ? 19 DT  B "C3'" 1 
ATOM   377 O "O3'" . DT  B 1 7  ? 4.144   6.033   -1.965  1.00 11.63 ? 19 DT  B "O3'" 1 
ATOM   378 C "C2'" . DT  B 1 7  ? 2.870   4.523   -3.510  1.00 11.70 ? 19 DT  B "C2'" 1 
ATOM   379 C "C1'" . DT  B 1 7  ? 2.212   3.875   -2.290  1.00 11.76 ? 19 DT  B "C1'" 1 
ATOM   380 N N1    . DT  B 1 7  ? 1.287   2.779   -2.624  1.00 11.75 ? 19 DT  B N1    1 
ATOM   381 C C2    . DT  B 1 7  ? 1.713   1.564   -2.027  1.00 11.78 ? 19 DT  B C2    1 
ATOM   382 O O2    . DT  B 1 7  ? 2.748   1.532   -1.336  1.00 11.78 ? 19 DT  B O2    1 
ATOM   383 N N3    . DT  B 1 7  ? 0.967   0.431   -2.237  1.00 11.79 ? 19 DT  B N3    1 
ATOM   384 C C4    . DT  B 1 7  ? -0.157  0.445   -3.002  1.00 11.76 ? 19 DT  B C4    1 
ATOM   385 O O4    . DT  B 1 7  ? -0.719  -0.682  -3.102  1.00 11.76 ? 19 DT  B O4    1 
ATOM   386 C C5    . DT  B 1 7  ? -0.594  1.684   -3.557  1.00 11.73 ? 19 DT  B C5    1 
ATOM   387 C C7    . DT  B 1 7  ? -1.829  1.725   -4.398  1.00 11.73 ? 19 DT  B C7    1 
ATOM   388 C C6    . DT  B 1 7  ? 0.168   2.773   -3.372  1.00 11.73 ? 19 DT  B C6    1 
ATOM   389 P P     . DT  B 1 8  ? 5.595   6.586   -2.153  1.00 11.41 ? 20 DT  B P     1 
ATOM   390 O OP1   . DT  B 1 8  ? 6.371   7.094   -0.974  1.00 11.41 ? 20 DT  B OP1   1 
ATOM   391 O OP2   . DT  B 1 8  ? 5.452   7.793   -3.113  1.00 11.35 ? 20 DT  B OP2   1 
ATOM   392 O "O5'" . DT  B 1 8  ? 6.419   5.375   -2.816  1.00 11.26 ? 20 DT  B "O5'" 1 
ATOM   393 C "C5'" . DT  B 1 8  ? 5.896   4.030   -2.774  1.00 11.05 ? 20 DT  B "C5'" 1 
ATOM   394 C "C4'" . DT  B 1 8  ? 6.516   3.507   -1.491  1.00 11.04 ? 20 DT  B "C4'" 1 
ATOM   395 O "O4'" . DT  B 1 8  ? 5.612   2.576   -0.959  1.00 11.04 ? 20 DT  B "O4'" 1 
ATOM   396 C "C3'" . DT  B 1 8  ? 7.805   2.746   -1.726  1.00 11.05 ? 20 DT  B "C3'" 1 
ATOM   397 O "O3'" . DT  B 1 8  ? 8.648   2.554   -0.559  1.00 10.98 ? 20 DT  B "O3'" 1 
ATOM   398 C "C2'" . DT  B 1 8  ? 7.265   1.428   -2.269  1.00 11.02 ? 20 DT  B "C2'" 1 
ATOM   399 C "C1'" . DT  B 1 8  ? 5.912   1.316   -1.542  1.00 11.06 ? 20 DT  B "C1'" 1 
ATOM   400 N N1    . DT  B 1 8  ? 4.943   0.844   -2.535  1.00 11.09 ? 20 DT  B N1    1 
ATOM   401 C C2    . DT  B 1 8  ? 4.582   -0.496  -2.429  1.00 11.15 ? 20 DT  B C2    1 
ATOM   402 O O2    . DT  B 1 8  ? 5.013   -1.186  -1.485  1.00 11.11 ? 20 DT  B O2    1 
ATOM   403 N N3    . DT  B 1 8  ? 3.709   -0.999  -3.363  1.00 11.18 ? 20 DT  B N3    1 
ATOM   404 C C4    . DT  B 1 8  ? 3.226   -0.266  -4.392  1.00 11.12 ? 20 DT  B C4    1 
ATOM   405 O O4    . DT  B 1 8  ? 2.392   -0.815  -5.186  1.00 11.13 ? 20 DT  B O4    1 
ATOM   406 C C5    . DT  B 1 8  ? 3.616   1.089   -4.490  1.00 11.11 ? 20 DT  B C5    1 
ATOM   407 C C7    . DT  B 1 8  ? 3.078   1.933   -5.620  1.00 11.14 ? 20 DT  B C7    1 
ATOM   408 C C6    . DT  B 1 8  ? 4.439   1.582   -3.570  1.00 11.12 ? 20 DT  B C6    1 
ATOM   409 P P     . DC  B 1 9  ? 10.131  1.912   -0.787  1.00 10.84 ? 21 DC  B P     1 
ATOM   410 O OP1   . DC  B 1 9  ? 10.999  2.052   0.469   1.00 10.10 ? 21 DC  B OP1   1 
ATOM   411 O OP2   . DC  B 1 9  ? 10.724  2.776   -1.883  1.00 9.77  ? 21 DC  B OP2   1 
ATOM   412 O "O5'" . DC  B 1 9  ? 9.873   0.399   -1.118  1.00 9.79  ? 21 DC  B "O5'" 1 
ATOM   413 C "C5'" . DC  B 1 9  ? 9.030   -0.449  -0.322  1.00 9.78  ? 21 DC  B "C5'" 1 
ATOM   414 C "C4'" . DC  B 1 9  ? 9.505   -1.869  -0.428  1.00 9.78  ? 21 DC  B "C4'" 1 
ATOM   415 O "O4'" . DC  B 1 9  ? 8.537   -2.646  -1.123  1.00 9.76  ? 21 DC  B "O4'" 1 
ATOM   416 C "C3'" . DC  B 1 9  ? 10.828  -2.127  -1.161  1.00 9.75  ? 21 DC  B "C3'" 1 
ATOM   417 O "O3'" . DC  B 1 9  ? 11.550  -3.217  -0.565  1.00 9.83  ? 21 DC  B "O3'" 1 
ATOM   418 C "C2'" . DC  B 1 9  ? 10.430  -2.441  -2.582  1.00 9.74  ? 21 DC  B "C2'" 1 
ATOM   419 C "C1'" . DC  B 1 9  ? 9.079   -3.053  -2.436  1.00 9.71  ? 21 DC  B "C1'" 1 
ATOM   420 N N1    . DC  B 1 9  ? 8.177   -2.544  -3.469  1.00 9.67  ? 21 DC  B N1    1 
ATOM   421 C C2    . DC  B 1 9  ? 7.339   -3.423  -4.097  1.00 9.66  ? 21 DC  B C2    1 
ATOM   422 O O2    . DC  B 1 9  ? 7.381   -4.602  -3.826  1.00 9.69  ? 21 DC  B O2    1 
ATOM   423 N N3    . DC  B 1 9  ? 6.462   -2.933  -5.016  1.00 9.70  ? 21 DC  B N3    1 
ATOM   424 C C4    . DC  B 1 9  ? 6.336   -1.601  -5.266  1.00 9.72  ? 21 DC  B C4    1 
ATOM   425 N N4    . DC  B 1 9  ? 5.448   -1.133  -6.155  1.00 9.70  ? 21 DC  B N4    1 
ATOM   426 C C5    . DC  B 1 9  ? 7.193   -0.691  -4.564  1.00 9.71  ? 21 DC  B C5    1 
ATOM   427 C C6    . DC  B 1 9  ? 8.068   -1.193  -3.691  1.00 9.68  ? 21 DC  B C6    1 
ATOM   428 P P     . DG  B 1 10 ? 12.875  -3.847  -1.113  1.00 10.43 ? 22 DG  B P     1 
ATOM   429 O OP1   . DG  B 1 10 ? 13.888  -4.025  0.016   1.00 9.98  ? 22 DG  B OP1   1 
ATOM   430 O OP2   . DG  B 1 10 ? 13.394  -2.884  -2.154  1.00 10.35 ? 22 DG  B OP2   1 
ATOM   431 O "O5'" . DG  B 1 10 ? 12.474  -5.244  -1.792  1.00 10.56 ? 22 DG  B "O5'" 1 
ATOM   432 C "C5'" . DG  B 1 10 ? 11.144  -5.859  -1.513  1.00 10.57 ? 22 DG  B "C5'" 1 
ATOM   433 C "C4'" . DG  B 1 10 ? 11.096  -7.177  -2.254  1.00 10.53 ? 22 DG  B "C4'" 1 
ATOM   434 O "O4'" . DG  B 1 10 ? 10.311  -7.155  -3.451  1.00 10.57 ? 22 DG  B "O4'" 1 
ATOM   435 C "C3'" . DG  B 1 10 ? 12.474  -7.647  -2.800  1.00 10.49 ? 22 DG  B "C3'" 1 
ATOM   436 O "O3'" . DG  B 1 10 ? 12.460  -8.982  -3.185  1.00 10.30 ? 22 DG  B "O3'" 1 
ATOM   437 C "C2'" . DG  B 1 10 ? 12.572  -6.590  -3.947  1.00 10.54 ? 22 DG  B "C2'" 1 
ATOM   438 C "C1'" . DG  B 1 10 ? 11.215  -6.808  -4.578  1.00 10.62 ? 22 DG  B "C1'" 1 
ATOM   439 N N9    . DG  B 1 10 ? 10.701  -5.650  -5.282  1.00 10.68 ? 22 DG  B N9    1 
ATOM   440 C C8    . DG  B 1 10 ? 11.050  -4.315  -5.185  1.00 10.75 ? 22 DG  B C8    1 
ATOM   441 N N7    . DG  B 1 10 ? 10.279  -3.522  -5.934  1.00 10.76 ? 22 DG  B N7    1 
ATOM   442 C C5    . DG  B 1 10 ? 9.372   -4.381  -6.540  1.00 10.72 ? 22 DG  B C5    1 
ATOM   443 C C6    . DG  B 1 10 ? 8.308   -4.154  -7.449  1.00 10.73 ? 22 DG  B C6    1 
ATOM   444 O O6    . DG  B 1 10 ? 7.914   -3.115  -7.948  1.00 10.69 ? 22 DG  B O6    1 
ATOM   445 N N1    . DG  B 1 10 ? 7.615   -5.285  -7.869  1.00 10.71 ? 22 DG  B N1    1 
ATOM   446 C C2    . DG  B 1 10 ? 7.963   -6.521  -7.399  1.00 10.73 ? 22 DG  B C2    1 
ATOM   447 N N2    . DG  B 1 10 ? 7.237   -7.541  -7.892  1.00 10.73 ? 22 DG  B N2    1 
ATOM   448 N N3    . DG  B 1 10 ? 8.944   -6.771  -6.538  1.00 10.69 ? 22 DG  B N3    1 
ATOM   449 C C4    . DG  B 1 10 ? 9.616   -5.687  -6.158  1.00 10.71 ? 22 DG  B C4    1 
ATOM   450 P P     . DC  B 1 11 ? 13.623  -9.886  -3.789  1.00 9.21  ? 23 DC  B P     1 
ATOM   451 O OP1   . DC  B 1 11 ? 14.695  -10.142 -2.778  1.00 8.64  ? 23 DC  B OP1   1 
ATOM   452 O OP2   . DC  B 1 11 ? 14.144  -9.103  -4.968  1.00 8.72  ? 23 DC  B OP2   1 
ATOM   453 O "O5'" . DC  B 1 11 ? 12.843  -11.195 -4.323  1.00 7.85  ? 23 DC  B "O5'" 1 
ATOM   454 C "C5'" . DC  B 1 11 ? 11.418  -11.227 -4.310  1.00 7.67  ? 23 DC  B "C5'" 1 
ATOM   455 C "C4'" . DC  B 1 11 ? 10.797  -12.286 -5.206  1.00 7.56  ? 23 DC  B "C4'" 1 
ATOM   456 O "O4'" . DC  B 1 11 ? 9.565   -11.692 -5.724  1.00 7.54  ? 23 DC  B "O4'" 1 
ATOM   457 C "C3'" . DC  B 1 11 ? 11.581  -12.780 -6.401  1.00 7.52  ? 23 DC  B "C3'" 1 
ATOM   458 O "O3'" . DC  B 1 11 ? 12.231  -14.028 -6.305  1.00 7.39  ? 23 DC  B "O3'" 1 
ATOM   459 C "C2'" . DC  B 1 11 ? 10.531  -12.843 -7.508  1.00 7.49  ? 23 DC  B "C2'" 1 
ATOM   460 C "C1'" . DC  B 1 11 ? 9.743   -11.600 -7.189  1.00 7.53  ? 23 DC  B "C1'" 1 
ATOM   461 N N1    . DC  B 1 11 ? 10.354  -10.351 -7.662  1.00 7.50  ? 23 DC  B N1    1 
ATOM   462 C C2    . DC  B 1 11 ? 9.742   -9.828  -8.818  1.00 7.52  ? 23 DC  B C2    1 
ATOM   463 O O2    . DC  B 1 11 ? 8.818   -10.429 -9.373  1.00 7.50  ? 23 DC  B O2    1 
ATOM   464 N N3    . DC  B 1 11 ? 10.109  -8.586  -9.292  1.00 7.49  ? 23 DC  B N3    1 
ATOM   465 C C4    . DC  B 1 11 ? 11.155  -7.929  -8.680  1.00 7.48  ? 23 DC  B C4    1 
ATOM   466 N N4    . DC  B 1 11 ? 11.460  -6.769  -9.268  1.00 7.51  ? 23 DC  B N4    1 
ATOM   467 C C5    . DC  B 1 11 ? 11.776  -8.447  -7.515  1.00 7.46  ? 23 DC  B C5    1 
ATOM   468 C C6    . DC  B 1 11 ? 11.360  -9.628  -7.043  1.00 7.47  ? 23 DC  B C6    1 
ATOM   469 P P     . DG  B 1 12 ? 13.200  -14.609 -7.475  1.00 7.41  ? 24 DG  B P     1 
ATOM   470 O OP1   . DG  B 1 12 ? 13.506  -16.083 -7.093  1.00 6.52  ? 24 DG  B OP1   1 
ATOM   471 O OP2   . DG  B 1 12 ? 14.433  -13.867 -7.632  1.00 6.82  ? 24 DG  B OP2   1 
ATOM   472 O "O5'" . DG  B 1 12 ? 12.125  -14.550 -8.727  1.00 6.18  ? 24 DG  B "O5'" 1 
ATOM   473 C "C5'" . DG  B 1 12 ? 11.063  -15.510 -8.582  1.00 6.10  ? 24 DG  B "C5'" 1 
ATOM   474 C "C4'" . DG  B 1 12 ? 9.829   -15.244 -9.331  1.00 6.05  ? 24 DG  B "C4'" 1 
ATOM   475 O "O4'" . DG  B 1 12 ? 9.615   -13.877 -9.607  1.00 6.01  ? 24 DG  B "O4'" 1 
ATOM   476 C "C3'" . DG  B 1 12 ? 9.787   -15.862 -10.756 1.00 6.03  ? 24 DG  B "C3'" 1 
ATOM   477 O "O3'" . DG  B 1 12 ? 8.484   -15.942 -11.270 1.00 6.00  ? 24 DG  B "O3'" 1 
ATOM   478 C "C2'" . DG  B 1 12 ? 10.702  -14.861 -11.488 1.00 5.98  ? 24 DG  B "C2'" 1 
ATOM   479 C "C1'" . DG  B 1 12 ? 10.051  -13.604 -10.968 1.00 5.99  ? 24 DG  B "C1'" 1 
ATOM   480 N N9    . DG  B 1 12 ? 10.990  -12.504 -10.891 1.00 5.93  ? 24 DG  B N9    1 
ATOM   481 C C8    . DG  B 1 12 ? 12.059  -12.426 -10.030 1.00 5.96  ? 24 DG  B C8    1 
ATOM   482 N N7    . DG  B 1 12 ? 12.722  -11.324 -10.100 1.00 5.92  ? 24 DG  B N7    1 
ATOM   483 C C5    . DG  B 1 12 ? 11.996  -10.605 -11.067 1.00 5.97  ? 24 DG  B C5    1 
ATOM   484 C C6    . DG  B 1 12 ? 12.235  -9.314  -11.610 1.00 5.94  ? 24 DG  B C6    1 
ATOM   485 O O6    . DG  B 1 12 ? 13.191  -8.610  -11.268 1.00 6.00  ? 24 DG  B O6    1 
ATOM   486 N N1    . DG  B 1 12 ? 11.320  -8.948  -12.554 1.00 5.95  ? 24 DG  B N1    1 
ATOM   487 C C2    . DG  B 1 12 ? 10.295  -9.737  -12.971 1.00 5.90  ? 24 DG  B C2    1 
ATOM   488 N N2    . DG  B 1 12 ? 9.520   -9.201  -13.901 1.00 5.86  ? 24 DG  B N2    1 
ATOM   489 N N3    . DG  B 1 12 ? 10.025  -10.950 -12.510 1.00 5.92  ? 24 DG  B N3    1 
ATOM   490 C C4    . DG  B 1 12 ? 10.926  -11.316 -11.543 1.00 5.94  ? 24 DG  B C4    1 
HETATM 491 O O1    . HT  C 2 .  ? 6.627   -6.939  -0.334  1.00 7.69  ? 25 HT  A O1    1 
HETATM 492 C C1    . HT  C 2 .  ? 6.561   -5.799  0.184   1.00 7.69  ? 25 HT  A C1    1 
HETATM 493 C C4    . HT  C 2 .  ? 6.392   -3.097  1.163   1.00 7.69  ? 25 HT  A C4    1 
HETATM 494 C C2    . HT  C 2 .  ? 6.061   -4.755  -0.631  1.00 7.72  ? 25 HT  A C2    1 
HETATM 495 C C3    . HT  C 2 .  ? 5.983   -3.431  -0.189  1.00 7.72  ? 25 HT  A C3    1 
HETATM 496 C C6    . HT  C 2 .  ? 7.025   -5.475  1.483   1.00 7.71  ? 25 HT  A C6    1 
HETATM 497 C C5    . HT  C 2 .  ? 6.967   -4.122  1.929   1.00 7.72  ? 25 HT  A C5    1 
HETATM 498 C C7    . HT  C 2 .  ? 6.173   -1.765  1.469   1.00 7.67  ? 25 HT  A C7    1 
HETATM 499 N N1    . HT  C 2 .  ? 5.007   -1.020  1.067   1.00 7.66  ? 25 HT  A N1    1 
HETATM 500 C C8    . HT  C 2 .  ? 5.239   0.317   1.457   1.00 7.64  ? 25 HT  A C8    1 
HETATM 501 C C9    . HT  C 2 .  ? 6.527   0.484   2.123   1.00 7.63  ? 25 HT  A C9    1 
HETATM 502 N N2    . HT  C 2 .  ? 7.031   -0.865  2.069   1.00 7.68  ? 25 HT  A N2    1 
HETATM 503 C C10   . HT  C 2 .  ? 6.888   1.786   2.495   1.00 7.61  ? 25 HT  A C10   1 
HETATM 504 C C11   . HT  C 2 .  ? 6.019   2.850   2.323   1.00 7.62  ? 25 HT  A C11   1 
HETATM 505 C C12   . HT  C 2 .  ? 4.785   2.668   1.650   1.00 7.68  ? 25 HT  A C12   1 
HETATM 506 C C13   . HT  C 2 .  ? 4.403   1.359   1.258   1.00 7.65  ? 25 HT  A C13   1 
HETATM 507 C C14   . HT  C 2 .  ? 3.910   3.739   1.575   1.00 7.70  ? 25 HT  A C14   1 
HETATM 508 N N3    . HT  C 2 .  ? 2.497   3.609   1.529   1.00 7.71  ? 25 HT  A N3    1 
HETATM 509 C C15   . HT  C 2 .  ? 1.911   4.866   1.599   1.00 7.75  ? 25 HT  A C15   1 
HETATM 510 C C16   . HT  C 2 .  ? 2.961   5.829   1.703   1.00 7.75  ? 25 HT  A C16   1 
HETATM 511 N N4    . HT  C 2 .  ? 4.163   5.116   1.714   1.00 7.71  ? 25 HT  A N4    1 
HETATM 512 C C17   . HT  C 2 .  ? 2.654   7.159   1.772   1.00 7.77  ? 25 HT  A C17   1 
HETATM 513 C C18   . HT  C 2 .  ? 1.291   7.635   1.776   1.00 7.76  ? 25 HT  A C18   1 
HETATM 514 C C19   . HT  C 2 .  ? 0.288   6.661   1.694   1.00 7.74  ? 25 HT  A C19   1 
HETATM 515 C C20   . HT  C 2 .  ? 0.628   5.274   1.628   1.00 7.75  ? 25 HT  A C20   1 
HETATM 516 N N5    . HT  C 2 .  ? -1.025  6.968   1.682   1.00 7.76  ? 25 HT  A N5    1 
HETATM 517 C C21   . HT  C 2 .  ? -1.633  7.501   0.531   1.00 7.76  ? 25 HT  A C21   1 
HETATM 518 C C22   . HT  C 2 .  ? -3.021  7.464   0.388   1.00 7.68  ? 25 HT  A C22   1 
HETATM 519 N N6    . HT  C 2 .  ? -3.729  6.919   1.478   1.00 7.73  ? 25 HT  A N6    1 
HETATM 520 C C23   . HT  C 2 .  ? -3.121  6.079   2.416   1.00 7.68  ? 25 HT  A C23   1 
HETATM 521 C C24   . HT  C 2 .  ? -1.797  6.326   2.692   1.00 7.74  ? 25 HT  A C24   1 
HETATM 522 C C25   . HT  C 2 .  ? -4.256  7.966   2.194   1.00 7.66  ? 25 HT  A C25   1 
HETATM 523 O O     . HOH D 3 .  ? 2.144   5.771   14.501  1.00 2.50  ? 26 HOH A O     1 
HETATM 524 O O     . HOH D 3 .  ? -0.280  5.897   13.155  1.00 2.50  ? 27 HOH A O     1 
HETATM 525 O O     . HOH D 3 .  ? 3.372   11.395  8.484   1.00 2.50  ? 29 HOH A O     1 
HETATM 526 O O     . HOH D 3 .  ? 4.860   12.207  6.078   1.00 2.50  ? 31 HOH A O     1 
HETATM 527 O O     . HOH D 3 .  ? 6.704   3.810   11.606  1.00 2.50  ? 36 HOH A O     1 
HETATM 528 O O     . HOH D 3 .  ? -4.819  1.319   -10.295 1.00 2.50  ? 42 HOH A O     1 
HETATM 529 O O     . HOH D 3 .  ? -2.206  -0.483  -9.710  1.00 2.50  ? 44 HOH A O     1 
HETATM 530 O O     . HOH D 3 .  ? -4.244  -3.947  -6.186  1.00 2.50  ? 46 HOH A O     1 
HETATM 531 O O     . HOH D 3 .  ? -3.930  -13.803 3.855   1.00 2.50  ? 49 HOH A O     1 
HETATM 532 O O     . HOH D 3 .  ? 9.668   -0.619  5.057   1.00 3.86  ? 53 HOH A O     1 
HETATM 533 O O     . HOH D 3 .  ? 8.252   -6.669  7.462   1.00 3.24  ? 55 HOH A O     1 
HETATM 534 O O     . HOH D 3 .  ? 11.936  -4.509  8.457   1.00 2.50  ? 56 HOH A O     1 
HETATM 535 O O     . HOH D 3 .  ? 3.404   4.449   -19.594 1.00 4.36  ? 57 HOH A O     1 
HETATM 536 O O     . HOH D 3 .  ? 3.038   13.772  5.857   1.00 2.50  ? 60 HOH A O     1 
HETATM 537 O O     . HOH D 3 .  ? -7.346  -0.856  -8.293  1.00 2.50  ? 69 HOH A O     1 
HETATM 538 O O     . HOH D 3 .  ? 9.492   1.864   9.718   1.00 2.50  ? 70 HOH A O     1 
HETATM 539 O O     . HOH D 3 .  ? -3.052  -6.664  -4.572  1.00 2.50  ? 77 HOH A O     1 
HETATM 540 O O     . HOH D 3 .  ? 0.943   -13.592 6.054   1.00 2.50  ? 81 HOH A O     1 
HETATM 541 O O     . HOH D 3 .  ? 4.878   -9.092  8.002   1.00 38.24 ? 91 HOH A O     1 
HETATM 542 O O     . HOH E 3 .  ? -12.009 -8.398  15.727  1.00 2.50  ? 28 HOH B O     1 
HETATM 543 O O     . HOH E 3 .  ? 8.184   14.695  9.741   1.00 17.33 ? 30 HOH B O     1 
HETATM 544 O O     . HOH E 3 .  ? -10.692 -4.196  -1.460  1.00 2.50  ? 32 HOH B O     1 
HETATM 545 O O     . HOH E 3 .  ? -12.413 -4.830  13.748  1.00 2.50  ? 33 HOH B O     1 
HETATM 546 O O     . HOH E 3 .  ? -6.712  -5.147  6.131   1.00 2.50  ? 34 HOH B O     1 
HETATM 547 O O     . HOH E 3 .  ? -10.705 -14.218 9.115   1.00 2.50  ? 35 HOH B O     1 
HETATM 548 O O     . HOH E 3 .  ? -8.006  -8.214  6.442   1.00 2.50  ? 37 HOH B O     1 
HETATM 549 O O     . HOH E 3 .  ? -5.595  -5.131  3.790   1.00 2.50  ? 38 HOH B O     1 
HETATM 550 O O     . HOH E 3 .  ? -7.980  -3.703  -2.461  1.00 2.50  ? 39 HOH B O     1 
HETATM 551 O O     . HOH E 3 .  ? 8.892   6.834   6.459   1.00 2.50  ? 40 HOH B O     1 
HETATM 552 O O     . HOH E 3 .  ? 8.324   10.226  0.171   1.00 6.80  ? 41 HOH B O     1 
HETATM 553 O O     . HOH E 3 .  ? -5.142  -4.479  -0.522  1.00 9.28  ? 43 HOH B O     1 
HETATM 554 O O     . HOH E 3 .  ? 15.011  -8.432  0.230   1.00 4.71  ? 45 HOH B O     1 
HETATM 555 O O     . HOH E 3 .  ? 9.662   4.349   1.419   1.00 2.50  ? 47 HOH B O     1 
HETATM 556 O O     . HOH E 3 .  ? 0.859   4.433   -13.288 1.00 2.50  ? 48 HOH B O     1 
HETATM 557 O O     . HOH E 3 .  ? 3.259   4.876   -8.937  1.00 2.50  ? 50 HOH B O     1 
HETATM 558 O O     . HOH E 3 .  ? 3.617   7.238   -14.945 1.00 2.50  ? 51 HOH B O     1 
HETATM 559 O O     . HOH E 3 .  ? 15.382  -4.316  4.263   1.00 2.50  ? 52 HOH B O     1 
HETATM 560 O O     . HOH E 3 .  ? 6.019   4.344   -12.666 1.00 2.50  ? 54 HOH B O     1 
HETATM 561 O O     . HOH E 3 .  ? 7.849   6.012   -10.538 1.00 2.50  ? 58 HOH B O     1 
HETATM 562 O O     . HOH E 3 .  ? -7.658  -3.462  11.669  1.00 5.35  ? 59 HOH B O     1 
HETATM 563 O O     . HOH E 3 .  ? 7.614   16.942  3.362   1.00 2.50  ? 61 HOH B O     1 
HETATM 564 O O     . HOH E 3 .  ? -2.781  -3.085  11.294  1.00 2.50  ? 62 HOH B O     1 
HETATM 565 O O     . HOH E 3 .  ? -6.916  -4.652  8.849   1.00 10.55 ? 63 HOH B O     1 
HETATM 566 O O     . HOH E 3 .  ? -5.175  -2.676  3.023   1.00 2.50  ? 64 HOH B O     1 
HETATM 567 O O     . HOH E 3 .  ? -1.554  -5.434  8.568   1.00 7.75  ? 65 HOH B O     1 
HETATM 568 O O     . HOH E 3 .  ? -3.928  -9.654  8.270   1.00 2.50  ? 66 HOH B O     1 
HETATM 569 O O     . HOH E 3 .  ? -2.893  -6.183  5.118   1.00 23.89 ? 67 HOH B O     1 
HETATM 570 O O     . HOH E 3 .  ? -7.454  -7.191  -1.553  1.00 2.50  ? 68 HOH B O     1 
HETATM 571 O O     . HOH E 3 .  ? 2.310   9.789   -8.056  1.00 2.50  ? 71 HOH B O     1 
HETATM 572 O O     . HOH E 3 .  ? 8.384   5.139   4.005   1.00 5.75  ? 72 HOH B O     1 
HETATM 573 O O     . HOH E 3 .  ? 14.349  7.871   4.011   1.00 2.50  ? 73 HOH B O     1 
HETATM 574 O O     . HOH E 3 .  ? 0.533   6.557   -12.001 1.00 2.50  ? 74 HOH B O     1 
HETATM 575 O O     . HOH E 3 .  ? -2.258  2.274   -10.361 1.00 3.86  ? 75 HOH B O     1 
HETATM 576 O O     . HOH E 3 .  ? 15.804  -2.873  -1.600  1.00 2.50  ? 76 HOH B O     1 
HETATM 577 O O     . HOH E 3 .  ? 14.743  8.913   0.882   1.00 2.50  ? 78 HOH B O     1 
HETATM 578 O O     . HOH E 3 .  ? 8.670   8.151   -6.464  1.00 4.17  ? 79 HOH B O     1 
HETATM 579 O O     . HOH E 3 .  ? 16.594  11.797  -2.802  1.00 2.50  ? 80 HOH B O     1 
HETATM 580 O O     . HOH E 3 .  ? 12.976  4.211   -2.943  1.00 9.24  ? 82 HOH B O     1 
HETATM 581 O O     . HOH E 3 .  ? -1.602  1.981   14.179  1.00 11.24 ? 83 HOH B O     1 
HETATM 582 O O     . HOH E 3 .  ? 4.465   14.178  1.232   1.00 6.05  ? 84 HOH B O     1 
HETATM 583 O O     . HOH E 3 .  ? 9.835   14.717  5.345   1.00 26.94 ? 85 HOH B O     1 
HETATM 584 O O     . HOH E 3 .  ? 4.807   10.589  0.839   1.00 27.27 ? 86 HOH B O     1 
HETATM 585 O O     . HOH E 3 .  ? -4.723  -6.557  10.720  1.00 18.06 ? 87 HOH B O     1 
HETATM 586 O O     . HOH E 3 .  ? 3.366   12.869  -3.847  1.00 65.53 ? 88 HOH B O     1 
HETATM 587 O O     . HOH E 3 .  ? 16.177  -8.691  -4.149  1.00 4.35  ? 89 HOH B O     1 
HETATM 588 O O     . HOH E 3 .  ? -9.036  -12.960 10.676  1.00 9.09  ? 90 HOH B O     1 
HETATM 589 O O     . HOH E 3 .  ? 14.763  3.815   4.216   1.00 32.83 ? 92 HOH B O     1 
HETATM 590 O O     . HOH E 3 .  ? 12.858  3.497   -0.824  1.00 48.38 ? 93 HOH B O     1 
# 
